data_7XPT
#
_entry.id   7XPT
#
_cell.length_a   162.275
_cell.length_b   98.825
_cell.length_c   58.102
_cell.angle_alpha   90.000
_cell.angle_beta   96.770
_cell.angle_gamma   90.000
#
_symmetry.space_group_name_H-M   'C 1 2 1'
#
loop_
_entity.id
_entity.type
_entity.pdbx_description
1 polymer Transglycosylse
2 non-polymer GDP-ALPHA-D-GLUCOSE
3 non-polymer 'MANGANESE (II) ION'
4 water water
#
_entity_poly.entity_id   1
_entity_poly.type   'polypeptide(L)'
_entity_poly.pdbx_seq_one_letter_code
;HMSGRDISTAVVVTTISDGGFLDRLAPALRDAGARLIVIPDRNTGPALFAACERHRRLGLDVVCPSVAEQQDLLERLAVP
DLIPYHSDNRRNVGYLMAWMEGFDVIVSMDDDNLPTTDDFVERHQVVCQGPRTQPVTASSDGWFNNCALLEVEPTEVFPR
GFPFHARPAHAQARTSVCERPADVRINAGLWLGDPDVDAITRLAVRPNALAHSGGSVVLAEGTWCPVNSQNTAVHRDALP
AYYFLRMGQPVDGVPMERFGDIFSGYFVQVCAQHLGHAVRFGDPVVEHPRNEHDLLDDLHKEVPAVRLLDDILDHLRDHP
LEGGDYLETYESLSYALQEIAERVNGRAWSPDARAFLHRSAHLMRSWTGALRTVAGT
;
_entity_poly.pdbx_strand_id   A,B
#
# COMPACT_ATOMS: atom_id res chain seq x y z
N HIS A 1 4.12 -16.60 -15.53
CA HIS A 1 3.78 -15.18 -15.55
C HIS A 1 3.17 -14.75 -14.22
N MET A 2 2.74 -13.49 -14.16
CA MET A 2 2.13 -12.96 -12.95
C MET A 2 0.64 -13.28 -12.91
N SER A 3 0.18 -13.71 -11.74
CA SER A 3 -1.23 -14.00 -11.52
C SER A 3 -1.60 -13.57 -10.10
N GLY A 4 -2.87 -13.78 -9.74
CA GLY A 4 -3.33 -13.50 -8.40
C GLY A 4 -3.71 -12.06 -8.12
N ARG A 5 -3.49 -11.15 -9.06
CA ARG A 5 -3.83 -9.74 -8.88
C ARG A 5 -5.20 -9.49 -9.49
N ASP A 6 -6.25 -9.66 -8.68
CA ASP A 6 -7.62 -9.48 -9.12
C ASP A 6 -8.11 -8.13 -8.60
N ILE A 7 -8.01 -7.11 -9.45
CA ILE A 7 -8.41 -5.76 -9.07
C ILE A 7 -9.92 -5.62 -9.23
N SER A 8 -10.60 -5.27 -8.14
CA SER A 8 -12.04 -5.06 -8.16
C SER A 8 -12.34 -3.57 -8.28
N THR A 9 -13.30 -3.23 -9.14
CA THR A 9 -13.73 -1.86 -9.35
C THR A 9 -15.24 -1.77 -9.15
N ALA A 10 -15.68 -0.72 -8.47
CA ALA A 10 -17.09 -0.42 -8.31
C ALA A 10 -17.34 1.01 -8.76
N VAL A 11 -18.27 1.18 -9.70
CA VAL A 11 -18.68 2.51 -10.16
C VAL A 11 -19.86 2.96 -9.31
N VAL A 12 -19.84 4.24 -8.92
CA VAL A 12 -20.89 4.81 -8.09
C VAL A 12 -21.53 5.95 -8.86
N VAL A 13 -22.83 5.85 -9.10
CA VAL A 13 -23.62 6.88 -9.76
C VAL A 13 -24.89 7.09 -8.94
N THR A 14 -25.22 8.34 -8.66
CA THR A 14 -26.51 8.69 -8.08
C THR A 14 -27.29 9.49 -9.12
N THR A 15 -28.59 9.23 -9.22
CA THR A 15 -29.35 9.78 -10.33
C THR A 15 -30.84 9.84 -9.99
N ILE A 16 -31.51 10.79 -10.62
CA ILE A 16 -32.97 10.88 -10.64
C ILE A 16 -33.52 10.66 -12.05
N SER A 17 -32.70 10.14 -12.96
CA SER A 17 -33.12 9.92 -14.33
C SER A 17 -33.94 8.63 -14.44
N ASP A 18 -34.33 8.30 -15.68
CA ASP A 18 -35.10 7.10 -15.95
C ASP A 18 -34.23 5.88 -16.22
N GLY A 19 -32.91 6.02 -16.13
CA GLY A 19 -32.01 4.91 -16.34
C GLY A 19 -31.53 4.71 -17.76
N GLY A 20 -31.96 5.56 -18.71
CA GLY A 20 -31.54 5.40 -20.09
C GLY A 20 -30.04 5.53 -20.28
N PHE A 21 -29.37 6.25 -19.38
CA PHE A 21 -27.93 6.41 -19.46
C PHE A 21 -27.19 5.08 -19.34
N LEU A 22 -27.82 4.07 -18.74
CA LEU A 22 -27.18 2.76 -18.60
C LEU A 22 -26.84 2.13 -19.93
N ASP A 23 -27.55 2.50 -21.01
CA ASP A 23 -27.33 1.86 -22.31
C ASP A 23 -25.90 2.10 -22.80
N ARG A 24 -25.36 3.29 -22.57
CA ARG A 24 -24.01 3.60 -23.02
C ARG A 24 -22.96 3.42 -21.94
N LEU A 25 -23.36 3.34 -20.67
CA LEU A 25 -22.41 3.16 -19.58
C LEU A 25 -22.16 1.70 -19.24
N ALA A 26 -23.17 0.84 -19.39
CA ALA A 26 -23.02 -0.56 -19.02
C ALA A 26 -21.96 -1.33 -19.82
N PRO A 27 -21.87 -1.19 -21.16
CA PRO A 27 -20.94 -2.06 -21.91
C PRO A 27 -19.51 -2.06 -21.38
N ALA A 28 -18.90 -0.89 -21.18
CA ALA A 28 -17.54 -0.84 -20.66
C ALA A 28 -17.46 -1.42 -19.25
N LEU A 29 -18.53 -1.28 -18.47
CA LEU A 29 -18.53 -1.77 -17.09
C LEU A 29 -18.70 -3.28 -17.04
N ARG A 30 -19.70 -3.81 -17.74
CA ARG A 30 -19.96 -5.25 -17.68
C ARG A 30 -18.87 -6.06 -18.38
N ASP A 31 -18.22 -5.48 -19.38
CA ASP A 31 -17.12 -6.19 -20.05
C ASP A 31 -15.93 -6.35 -19.12
N ALA A 32 -15.77 -5.44 -18.15
CA ALA A 32 -14.69 -5.51 -17.18
C ALA A 32 -15.12 -6.18 -15.89
N GLY A 33 -16.36 -6.66 -15.80
CA GLY A 33 -16.85 -7.26 -14.58
C GLY A 33 -17.01 -6.32 -13.41
N ALA A 34 -16.95 -5.01 -13.65
CA ALA A 34 -17.10 -4.04 -12.56
C ALA A 34 -18.53 -4.02 -12.05
N ARG A 35 -18.67 -3.67 -10.77
CA ARG A 35 -19.99 -3.46 -10.18
C ARG A 35 -20.39 -2.00 -10.34
N LEU A 36 -21.67 -1.79 -10.62
CA LEU A 36 -22.26 -0.47 -10.70
C LEU A 36 -23.23 -0.31 -9.54
N ILE A 37 -22.98 0.68 -8.69
CA ILE A 37 -23.85 0.99 -7.56
C ILE A 37 -24.62 2.26 -7.92
N VAL A 38 -25.91 2.10 -8.19
CA VAL A 38 -26.79 3.20 -8.55
C VAL A 38 -27.58 3.62 -7.30
N ILE A 39 -27.38 4.85 -6.86
CA ILE A 39 -28.03 5.36 -5.66
C ILE A 39 -29.22 6.23 -6.06
N PRO A 40 -30.45 5.73 -5.94
CA PRO A 40 -31.63 6.55 -6.26
C PRO A 40 -31.99 7.44 -5.08
N ASP A 41 -32.97 8.30 -5.29
CA ASP A 41 -33.43 9.26 -4.30
C ASP A 41 -34.94 9.17 -4.18
N ARG A 42 -35.51 9.96 -3.27
CA ARG A 42 -36.96 10.02 -3.15
C ARG A 42 -37.60 10.56 -4.42
N ASN A 43 -36.93 11.49 -5.09
CA ASN A 43 -37.42 12.09 -6.33
C ASN A 43 -36.99 11.30 -7.56
N THR A 44 -36.57 10.04 -7.39
CA THR A 44 -36.20 9.19 -8.50
C THR A 44 -37.41 8.37 -8.95
N GLY A 45 -37.71 8.43 -10.24
CA GLY A 45 -38.85 7.72 -10.80
C GLY A 45 -38.67 6.21 -10.79
N PRO A 46 -39.78 5.48 -10.97
CA PRO A 46 -39.70 4.01 -10.97
C PRO A 46 -39.04 3.43 -12.20
N ALA A 47 -38.83 4.22 -13.26
CA ALA A 47 -38.22 3.69 -14.47
C ALA A 47 -36.75 3.34 -14.26
N LEU A 48 -36.07 3.99 -13.31
CA LEU A 48 -34.68 3.66 -13.04
C LEU A 48 -34.54 2.24 -12.52
N PHE A 49 -35.42 1.83 -11.61
CA PHE A 49 -35.35 0.47 -11.07
C PHE A 49 -35.59 -0.56 -12.16
N ALA A 50 -36.51 -0.28 -13.09
CA ALA A 50 -36.74 -1.19 -14.20
C ALA A 50 -35.54 -1.25 -15.13
N ALA A 51 -34.82 -0.14 -15.29
CA ALA A 51 -33.65 -0.14 -16.17
C ALA A 51 -32.49 -0.91 -15.53
N CYS A 52 -32.35 -0.83 -14.21
CA CYS A 52 -31.30 -1.59 -13.53
C CYS A 52 -31.56 -3.09 -13.66
N GLU A 53 -32.83 -3.50 -13.63
CA GLU A 53 -33.15 -4.92 -13.81
C GLU A 53 -32.94 -5.36 -15.25
N ARG A 54 -33.20 -4.47 -16.21
CA ARG A 54 -33.01 -4.83 -17.61
C ARG A 54 -31.54 -5.01 -17.95
N HIS A 55 -30.68 -4.13 -17.41
CA HIS A 55 -29.25 -4.25 -17.65
C HIS A 55 -28.58 -5.29 -16.78
N ARG A 56 -29.21 -5.68 -15.67
CA ARG A 56 -28.67 -6.77 -14.87
C ARG A 56 -28.76 -8.10 -15.62
N ARG A 57 -29.88 -8.35 -16.30
CA ARG A 57 -30.02 -9.59 -17.07
C ARG A 57 -29.06 -9.64 -18.26
N LEU A 58 -28.57 -8.50 -18.72
CA LEU A 58 -27.59 -8.46 -19.79
C LEU A 58 -26.16 -8.71 -19.30
N GLY A 59 -25.99 -9.00 -18.01
CA GLY A 59 -24.68 -9.34 -17.47
C GLY A 59 -24.05 -8.29 -16.59
N LEU A 60 -24.67 -7.14 -16.40
CA LEU A 60 -24.10 -6.08 -15.59
C LEU A 60 -24.38 -6.34 -14.11
N ASP A 61 -23.32 -6.29 -13.30
CA ASP A 61 -23.46 -6.40 -11.85
C ASP A 61 -23.84 -5.02 -11.30
N VAL A 62 -25.12 -4.71 -11.42
CA VAL A 62 -25.65 -3.42 -10.99
C VAL A 62 -26.57 -3.64 -9.79
N VAL A 63 -26.44 -2.76 -8.79
CA VAL A 63 -27.29 -2.77 -7.62
C VAL A 63 -27.91 -1.38 -7.48
N CYS A 64 -29.15 -1.35 -7.00
CA CYS A 64 -29.92 -0.10 -6.90
C CYS A 64 -30.71 -0.13 -5.59
N PRO A 65 -30.06 0.19 -4.48
CA PRO A 65 -30.73 0.09 -3.18
C PRO A 65 -31.82 1.14 -3.03
N SER A 66 -33.00 0.70 -2.60
CA SER A 66 -34.10 1.62 -2.36
C SER A 66 -33.77 2.56 -1.21
N VAL A 67 -34.52 3.65 -1.13
CA VAL A 67 -34.29 4.64 -0.06
C VAL A 67 -34.52 4.01 1.30
N ALA A 68 -35.42 3.03 1.39
CA ALA A 68 -35.62 2.32 2.65
C ALA A 68 -34.39 1.52 3.03
N GLU A 69 -33.79 0.81 2.07
CA GLU A 69 -32.57 0.06 2.35
C GLU A 69 -31.41 1.00 2.67
N GLN A 70 -31.34 2.14 1.99
CA GLN A 70 -30.32 3.14 2.30
C GLN A 70 -30.46 3.64 3.73
N GLN A 71 -31.68 4.06 4.10
CA GLN A 71 -31.90 4.61 5.44
C GLN A 71 -31.71 3.56 6.51
N ASP A 72 -32.06 2.30 6.24
CA ASP A 72 -31.78 1.23 7.18
C ASP A 72 -30.30 1.07 7.43
N LEU A 73 -29.50 1.14 6.35
CA LEU A 73 -28.04 1.03 6.49
C LEU A 73 -27.49 2.20 7.29
N LEU A 74 -27.91 3.42 6.95
CA LEU A 74 -27.37 4.60 7.61
C LEU A 74 -27.79 4.67 9.07
N GLU A 75 -29.01 4.24 9.38
CA GLU A 75 -29.48 4.25 10.76
C GLU A 75 -28.69 3.27 11.62
N ARG A 76 -28.36 2.10 11.06
CA ARG A 76 -27.57 1.12 11.82
C ARG A 76 -26.15 1.60 12.06
N LEU A 77 -25.65 2.50 11.20
CA LEU A 77 -24.32 3.07 11.39
C LEU A 77 -24.35 4.35 12.21
N ALA A 78 -25.48 4.66 12.85
CA ALA A 78 -25.62 5.82 13.73
C ALA A 78 -25.41 7.14 12.99
N VAL A 79 -25.78 7.19 11.71
CA VAL A 79 -25.73 8.43 10.95
C VAL A 79 -27.02 8.60 10.14
N PRO A 80 -28.19 8.62 10.78
CA PRO A 80 -29.43 8.70 9.99
C PRO A 80 -29.69 10.08 9.40
N ASP A 81 -29.02 11.11 9.90
CA ASP A 81 -29.24 12.48 9.45
C ASP A 81 -28.07 13.03 8.64
N LEU A 82 -27.04 12.21 8.40
CA LEU A 82 -25.84 12.71 7.74
C LEU A 82 -26.08 13.08 6.28
N ILE A 83 -26.80 12.23 5.55
CA ILE A 83 -26.95 12.34 4.11
C ILE A 83 -28.38 12.78 3.80
N PRO A 84 -28.59 13.96 3.23
CA PRO A 84 -29.95 14.43 2.95
C PRO A 84 -30.52 13.81 1.68
N TYR A 85 -31.84 13.90 1.56
CA TYR A 85 -32.54 13.43 0.38
C TYR A 85 -32.77 14.60 -0.58
N HIS A 86 -33.22 14.28 -1.79
CA HIS A 86 -33.38 15.24 -2.88
C HIS A 86 -32.06 15.98 -3.14
N SER A 87 -30.96 15.24 -3.13
CA SER A 87 -29.64 15.83 -3.30
C SER A 87 -28.69 14.78 -3.85
N ASP A 88 -27.77 15.21 -4.72
CA ASP A 88 -26.75 14.29 -5.21
C ASP A 88 -25.69 13.98 -4.15
N ASN A 89 -25.85 14.49 -2.94
CA ASN A 89 -25.02 14.04 -1.82
C ASN A 89 -25.22 12.56 -1.52
N ARG A 90 -26.33 11.98 -2.00
CA ARG A 90 -26.60 10.57 -1.74
C ARG A 90 -25.58 9.64 -2.39
N ARG A 91 -24.73 10.15 -3.30
CA ARG A 91 -23.63 9.34 -3.81
C ARG A 91 -22.72 8.87 -2.70
N ASN A 92 -22.72 9.57 -1.55
CA ASN A 92 -21.97 9.10 -0.39
C ASN A 92 -22.43 7.71 0.05
N VAL A 93 -23.70 7.38 -0.16
CA VAL A 93 -24.18 6.03 0.14
C VAL A 93 -23.45 5.02 -0.74
N GLY A 94 -23.26 5.34 -2.01
CA GLY A 94 -22.52 4.46 -2.89
C GLY A 94 -21.05 4.36 -2.52
N TYR A 95 -20.44 5.49 -2.16
CA TYR A 95 -19.07 5.46 -1.64
C TYR A 95 -18.96 4.51 -0.45
N LEU A 96 -19.89 4.63 0.50
CA LEU A 96 -19.86 3.81 1.70
C LEU A 96 -20.04 2.33 1.36
N MET A 97 -21.01 2.01 0.49
CA MET A 97 -21.29 0.63 0.17
C MET A 97 -20.11 -0.03 -0.54
N ALA A 98 -19.55 0.65 -1.55
CA ALA A 98 -18.41 0.10 -2.26
C ALA A 98 -17.23 -0.14 -1.32
N TRP A 99 -17.11 0.70 -0.28
CA TRP A 99 -16.01 0.53 0.67
C TRP A 99 -16.28 -0.65 1.60
N MET A 100 -17.53 -0.83 2.03
CA MET A 100 -17.87 -1.98 2.85
C MET A 100 -17.61 -3.29 2.12
N GLU A 101 -17.98 -3.35 0.84
CA GLU A 101 -17.87 -4.56 0.05
C GLU A 101 -16.44 -4.86 -0.39
N GLY A 102 -15.47 -4.06 0.05
CA GLY A 102 -14.07 -4.38 -0.15
C GLY A 102 -13.53 -4.13 -1.54
N PHE A 103 -14.15 -3.24 -2.31
CA PHE A 103 -13.65 -2.97 -3.66
C PHE A 103 -12.31 -2.24 -3.60
N ASP A 104 -11.45 -2.56 -4.57
CA ASP A 104 -10.14 -1.92 -4.63
C ASP A 104 -10.25 -0.49 -5.17
N VAL A 105 -11.03 -0.30 -6.22
CA VAL A 105 -11.19 0.99 -6.88
C VAL A 105 -12.65 1.41 -6.79
N ILE A 106 -12.88 2.65 -6.38
CA ILE A 106 -14.20 3.27 -6.39
C ILE A 106 -14.17 4.39 -7.43
N VAL A 107 -14.98 4.26 -8.46
CA VAL A 107 -15.04 5.24 -9.55
C VAL A 107 -16.32 6.04 -9.37
N SER A 108 -16.18 7.33 -9.09
CA SER A 108 -17.32 8.23 -8.95
C SER A 108 -17.69 8.80 -10.32
N MET A 109 -18.94 8.62 -10.73
CA MET A 109 -19.41 9.12 -12.01
C MET A 109 -20.79 9.74 -11.85
N ASP A 110 -21.16 10.56 -12.82
CA ASP A 110 -22.52 11.08 -12.95
C ASP A 110 -23.23 10.35 -14.08
N ASP A 111 -24.56 10.52 -14.13
CA ASP A 111 -25.36 9.81 -15.11
C ASP A 111 -25.27 10.38 -16.51
N ASP A 112 -24.48 11.45 -16.72
CA ASP A 112 -24.27 11.99 -18.06
C ASP A 112 -22.81 11.93 -18.46
N ASN A 113 -22.04 11.02 -17.87
CA ASN A 113 -20.65 10.77 -18.23
C ASN A 113 -20.55 9.38 -18.83
N LEU A 114 -20.10 9.29 -20.08
CA LEU A 114 -20.11 8.05 -20.82
C LEU A 114 -18.70 7.71 -21.30
N PRO A 115 -18.19 6.50 -21.01
CA PRO A 115 -16.83 6.15 -21.44
C PRO A 115 -16.69 6.16 -22.95
N THR A 116 -15.49 6.50 -23.40
CA THR A 116 -15.18 6.57 -24.83
C THR A 116 -14.30 5.43 -25.32
N THR A 117 -13.75 4.62 -24.42
CA THR A 117 -12.83 3.56 -24.81
C THR A 117 -13.21 2.27 -24.09
N ASP A 118 -12.75 1.15 -24.65
CA ASP A 118 -13.06 -0.15 -24.07
C ASP A 118 -12.25 -0.42 -22.80
N ASP A 119 -11.14 0.29 -22.60
CA ASP A 119 -10.30 0.10 -21.43
C ASP A 119 -10.59 1.11 -20.32
N PHE A 120 -11.86 1.53 -20.21
CA PHE A 120 -12.22 2.55 -19.22
C PHE A 120 -11.86 2.10 -17.81
N VAL A 121 -12.32 0.91 -17.41
CA VAL A 121 -12.05 0.41 -16.07
C VAL A 121 -10.56 0.14 -15.89
N GLU A 122 -9.90 -0.40 -16.93
CA GLU A 122 -8.48 -0.71 -16.83
C GLU A 122 -7.65 0.55 -16.59
N ARG A 123 -7.99 1.64 -17.27
CA ARG A 123 -7.26 2.89 -17.09
C ARG A 123 -7.44 3.44 -15.69
N HIS A 124 -8.65 3.30 -15.13
CA HIS A 124 -8.91 3.78 -13.78
C HIS A 124 -8.22 2.93 -12.72
N GLN A 125 -7.78 1.72 -13.07
CA GLN A 125 -7.06 0.87 -12.12
C GLN A 125 -5.67 1.39 -11.80
N VAL A 126 -5.25 2.52 -12.38
CA VAL A 126 -3.94 3.10 -12.12
C VAL A 126 -3.78 3.48 -10.65
N VAL A 127 -4.88 3.65 -9.93
CA VAL A 127 -4.83 4.00 -8.51
C VAL A 127 -4.44 2.79 -7.67
N CYS A 128 -4.10 1.68 -8.33
CA CYS A 128 -3.70 0.45 -7.65
C CYS A 128 -2.27 0.01 -7.95
N GLN A 129 -1.52 0.76 -8.75
CA GLN A 129 -0.20 0.29 -9.16
C GLN A 129 0.84 0.37 -8.04
N GLY A 130 0.62 1.22 -7.04
CA GLY A 130 1.54 1.34 -5.93
C GLY A 130 2.66 2.33 -6.21
N PRO A 131 3.55 2.53 -5.23
CA PRO A 131 4.62 3.51 -5.40
C PRO A 131 5.63 3.06 -6.43
N ARG A 132 6.16 4.02 -7.18
CA ARG A 132 7.20 3.78 -8.18
C ARG A 132 7.76 5.12 -8.64
N THR A 133 9.03 5.10 -9.04
CA THR A 133 9.64 6.29 -9.61
C THR A 133 9.05 6.55 -11.00
N GLN A 134 8.46 7.72 -11.17
CA GLN A 134 7.68 8.03 -12.36
C GLN A 134 7.77 9.52 -12.64
N PRO A 135 7.47 9.96 -13.86
CA PRO A 135 7.47 11.40 -14.15
C PRO A 135 6.35 12.10 -13.41
N VAL A 136 6.73 13.03 -12.53
CA VAL A 136 5.77 13.84 -11.77
C VAL A 136 5.86 15.27 -12.25
N THR A 137 4.72 15.95 -12.30
CA THR A 137 4.62 17.29 -12.85
C THR A 137 4.48 18.30 -11.71
N ALA A 138 5.38 19.26 -11.67
CA ALA A 138 5.35 20.34 -10.69
C ALA A 138 5.14 21.68 -11.39
N SER A 139 4.51 22.60 -10.67
CA SER A 139 4.25 23.95 -11.19
C SER A 139 4.72 24.99 -10.19
N SER A 140 5.32 26.07 -10.71
CA SER A 140 5.96 27.05 -9.85
C SER A 140 4.96 27.79 -8.98
N ASP A 141 3.71 27.92 -9.41
CA ASP A 141 2.70 28.59 -8.60
C ASP A 141 1.90 27.63 -7.73
N GLY A 142 2.23 26.34 -7.75
CA GLY A 142 1.53 25.37 -6.93
C GLY A 142 0.20 24.91 -7.47
N TRP A 143 -0.14 25.27 -8.70
CA TRP A 143 -1.41 24.90 -9.31
C TRP A 143 -1.18 24.30 -10.70
N PHE A 144 -2.02 23.34 -11.06
CA PHE A 144 -2.01 22.76 -12.39
C PHE A 144 -3.40 22.88 -13.00
N ASN A 145 -3.45 23.26 -14.27
CA ASN A 145 -4.71 23.42 -14.99
C ASN A 145 -4.91 22.18 -15.87
N ASN A 146 -5.78 21.27 -15.43
CA ASN A 146 -6.00 20.03 -16.17
C ASN A 146 -6.72 20.28 -17.49
N CYS A 147 -7.43 21.39 -17.63
CA CYS A 147 -8.08 21.71 -18.90
C CYS A 147 -7.08 22.10 -19.98
N ALA A 148 -5.82 22.37 -19.61
CA ALA A 148 -4.76 22.55 -20.60
C ALA A 148 -4.37 21.24 -21.28
N LEU A 149 -4.82 20.10 -20.74
CA LEU A 149 -4.61 18.81 -21.38
C LEU A 149 -5.63 18.54 -22.48
N LEU A 150 -6.60 19.43 -22.67
CA LEU A 150 -7.65 19.25 -23.66
C LEU A 150 -7.58 20.35 -24.71
N GLU A 151 -8.13 20.05 -25.88
CA GLU A 151 -8.32 21.05 -26.92
C GLU A 151 -9.71 21.65 -26.74
N VAL A 152 -9.76 22.92 -26.33
CA VAL A 152 -11.00 23.57 -25.94
C VAL A 152 -11.20 24.81 -26.82
N GLU A 153 -12.41 24.95 -27.36
CA GLU A 153 -12.83 26.13 -28.08
C GLU A 153 -13.89 26.87 -27.26
N PRO A 154 -13.99 28.21 -27.40
CA PRO A 154 -13.21 29.07 -28.29
C PRO A 154 -11.92 29.60 -27.69
N THR A 155 -11.64 29.28 -26.42
CA THR A 155 -10.49 29.84 -25.73
C THR A 155 -10.11 28.94 -24.57
N GLU A 156 -8.99 29.28 -23.94
CA GLU A 156 -8.50 28.51 -22.80
C GLU A 156 -9.38 28.74 -21.59
N VAL A 157 -9.62 27.67 -20.82
CA VAL A 157 -10.46 27.71 -19.64
C VAL A 157 -9.75 27.01 -18.49
N PHE A 158 -10.28 27.22 -17.30
CA PHE A 158 -9.88 26.56 -16.08
C PHE A 158 -11.00 25.64 -15.59
N PRO A 159 -10.67 24.61 -14.81
CA PRO A 159 -11.72 23.72 -14.31
C PRO A 159 -12.50 24.38 -13.17
N ARG A 160 -13.71 23.86 -12.97
CA ARG A 160 -14.52 24.27 -11.82
C ARG A 160 -13.73 24.03 -10.54
N GLY A 161 -13.75 25.01 -9.64
CA GLY A 161 -13.02 24.91 -8.40
C GLY A 161 -11.59 25.42 -8.43
N PHE A 162 -11.09 25.82 -9.59
CA PHE A 162 -9.74 26.38 -9.67
C PHE A 162 -9.76 27.79 -9.07
N PRO A 163 -8.84 28.11 -8.16
CA PRO A 163 -8.90 29.41 -7.49
C PRO A 163 -8.77 30.56 -8.48
N PHE A 164 -9.57 31.60 -8.27
CA PHE A 164 -9.57 32.72 -9.21
C PHE A 164 -8.37 33.64 -9.03
N HIS A 165 -7.88 33.80 -7.79
CA HIS A 165 -6.75 34.70 -7.56
C HIS A 165 -5.49 34.25 -8.30
N ALA A 166 -5.39 32.97 -8.65
CA ALA A 166 -4.20 32.43 -9.29
C ALA A 166 -4.33 32.30 -10.80
N ARG A 167 -5.50 32.61 -11.37
CA ARG A 167 -5.70 32.39 -12.80
C ARG A 167 -4.90 33.36 -13.67
N PRO A 168 -4.90 34.68 -13.42
CA PRO A 168 -4.16 35.58 -14.33
C PRO A 168 -2.67 35.29 -14.39
N ALA A 169 -2.05 34.91 -13.28
CA ALA A 169 -0.61 34.67 -13.23
C ALA A 169 -0.22 33.24 -13.56
N HIS A 170 -1.20 32.38 -13.85
CA HIS A 170 -0.86 30.98 -14.12
C HIS A 170 -0.17 30.81 -15.46
N ALA A 171 -0.38 31.75 -16.39
CA ALA A 171 0.29 31.66 -17.68
C ALA A 171 1.80 31.84 -17.54
N GLN A 172 2.25 32.57 -16.53
CA GLN A 172 3.66 32.78 -16.28
C GLN A 172 4.29 31.66 -15.45
N ALA A 173 3.49 30.75 -14.91
CA ALA A 173 4.03 29.67 -14.10
C ALA A 173 4.87 28.72 -14.93
N ARG A 174 5.89 28.15 -14.28
CA ARG A 174 6.80 27.21 -14.93
C ARG A 174 6.38 25.78 -14.61
N THR A 175 6.17 24.99 -15.67
CA THR A 175 5.79 23.59 -15.52
C THR A 175 7.01 22.72 -15.78
N SER A 176 7.33 21.85 -14.82
CA SER A 176 8.49 20.98 -14.93
C SER A 176 8.10 19.54 -14.62
N VAL A 177 8.79 18.61 -15.28
CA VAL A 177 8.57 17.18 -15.11
C VAL A 177 9.90 16.52 -14.80
N CYS A 178 9.89 15.61 -13.82
CA CYS A 178 11.11 14.90 -13.45
C CYS A 178 10.74 13.58 -12.81
N GLU A 179 11.68 12.64 -12.82
CA GLU A 179 11.47 11.31 -12.26
C GLU A 179 11.52 11.38 -10.74
N ARG A 180 10.43 11.02 -10.09
CA ARG A 180 10.35 11.00 -8.63
C ARG A 180 9.45 9.86 -8.22
N PRO A 181 9.63 9.32 -7.01
CA PRO A 181 8.69 8.32 -6.50
C PRO A 181 7.33 8.94 -6.25
N ALA A 182 6.28 8.20 -6.61
CA ALA A 182 4.92 8.65 -6.39
C ALA A 182 4.00 7.43 -6.30
N ASP A 183 2.95 7.56 -5.51
CA ASP A 183 1.96 6.50 -5.29
C ASP A 183 0.59 7.07 -5.64
N VAL A 184 0.13 6.79 -6.86
CA VAL A 184 -1.14 7.36 -7.32
C VAL A 184 -2.29 6.66 -6.61
N ARG A 185 -3.14 7.45 -5.94
CA ARG A 185 -4.33 6.93 -5.29
C ARG A 185 -5.62 7.58 -5.78
N ILE A 186 -5.53 8.68 -6.54
CA ILE A 186 -6.70 9.33 -7.13
C ILE A 186 -6.39 9.57 -8.60
N ASN A 187 -7.32 9.17 -9.47
CA ASN A 187 -7.17 9.37 -10.91
C ASN A 187 -8.40 10.10 -11.44
N ALA A 188 -8.24 11.39 -11.73
CA ALA A 188 -9.32 12.20 -12.28
C ALA A 188 -9.27 12.09 -13.80
N GLY A 189 -10.18 11.32 -14.38
CA GLY A 189 -10.28 11.25 -15.81
C GLY A 189 -10.90 12.51 -16.40
N LEU A 190 -10.50 12.84 -17.61
CA LEU A 190 -10.95 14.05 -18.26
C LEU A 190 -12.25 13.82 -19.02
N TRP A 191 -12.74 14.86 -19.68
CA TRP A 191 -14.09 14.85 -20.23
C TRP A 191 -14.13 15.64 -21.53
N LEU A 192 -14.74 15.07 -22.56
CA LEU A 192 -14.97 15.75 -23.83
C LEU A 192 -16.40 16.23 -23.92
N GLY A 193 -16.62 17.21 -24.80
CA GLY A 193 -17.91 17.86 -24.92
C GLY A 193 -18.00 19.09 -24.01
N ASP A 194 -18.83 18.99 -22.97
CA ASP A 194 -18.97 20.08 -22.00
C ASP A 194 -17.95 19.87 -20.88
N PRO A 195 -16.88 20.65 -20.82
CA PRO A 195 -15.87 20.44 -19.78
C PRO A 195 -16.40 20.86 -18.42
N ASP A 196 -15.73 20.37 -17.37
CA ASP A 196 -16.14 20.67 -16.00
C ASP A 196 -15.59 22.05 -15.63
N VAL A 197 -16.30 23.08 -16.08
CA VAL A 197 -15.98 24.46 -15.73
C VAL A 197 -17.08 24.99 -14.84
N ASP A 198 -16.76 26.08 -14.15
CA ASP A 198 -17.75 26.75 -13.31
C ASP A 198 -18.77 27.50 -14.16
N ALA A 199 -19.87 27.90 -13.52
CA ALA A 199 -20.93 28.58 -14.25
C ALA A 199 -20.47 29.91 -14.83
N ILE A 200 -19.45 30.51 -14.21
CA ILE A 200 -18.86 31.73 -14.73
C ILE A 200 -18.28 31.48 -16.12
N THR A 201 -17.47 30.42 -16.25
CA THR A 201 -16.83 30.12 -17.52
C THR A 201 -17.84 29.67 -18.57
N ARG A 202 -18.82 28.86 -18.16
CA ARG A 202 -19.80 28.38 -19.12
C ARG A 202 -20.66 29.52 -19.67
N LEU A 203 -21.10 30.43 -18.78
CA LEU A 203 -21.88 31.57 -19.23
C LEU A 203 -21.07 32.53 -20.09
N ALA A 204 -19.75 32.57 -19.91
CA ALA A 204 -18.94 33.57 -20.58
C ALA A 204 -18.50 33.13 -21.98
N VAL A 205 -18.05 31.89 -22.15
CA VAL A 205 -17.48 31.44 -23.42
C VAL A 205 -18.08 30.15 -23.93
N ARG A 206 -18.97 29.51 -23.15
CA ARG A 206 -19.63 28.25 -23.53
C ARG A 206 -18.64 27.25 -24.13
N PRO A 207 -17.68 26.77 -23.36
CA PRO A 207 -16.58 25.98 -23.94
C PRO A 207 -17.05 24.62 -24.43
N ASN A 208 -16.26 24.08 -25.37
CA ASN A 208 -16.48 22.75 -25.93
C ASN A 208 -15.13 22.04 -26.00
N ALA A 209 -15.02 20.91 -25.30
CA ALA A 209 -13.78 20.15 -25.26
C ALA A 209 -13.69 19.25 -26.49
N LEU A 210 -12.76 19.55 -27.39
CA LEU A 210 -12.71 18.85 -28.67
C LEU A 210 -11.98 17.52 -28.56
N ALA A 211 -10.81 17.51 -27.91
CA ALA A 211 -10.01 16.29 -27.83
C ALA A 211 -9.10 16.34 -26.62
N HIS A 212 -8.56 15.18 -26.26
CA HIS A 212 -7.59 15.04 -25.18
C HIS A 212 -6.21 14.95 -25.83
N SER A 213 -5.45 16.05 -25.76
CA SER A 213 -4.19 16.16 -26.46
C SER A 213 -2.97 16.20 -25.57
N GLY A 214 -3.13 16.43 -24.27
CA GLY A 214 -2.00 16.58 -23.38
C GLY A 214 -1.52 15.33 -22.68
N GLY A 215 -2.16 14.18 -22.91
CA GLY A 215 -1.76 12.98 -22.21
C GLY A 215 -2.20 13.00 -20.75
N SER A 216 -1.43 12.31 -19.92
CA SER A 216 -1.71 12.21 -18.50
C SER A 216 -0.52 12.69 -17.68
N VAL A 217 -0.81 13.23 -16.49
CA VAL A 217 0.22 13.75 -15.61
C VAL A 217 -0.07 13.30 -14.18
N VAL A 218 1.00 13.19 -13.39
CA VAL A 218 0.91 12.97 -11.95
C VAL A 218 1.51 14.20 -11.26
N LEU A 219 0.75 14.80 -10.36
CA LEU A 219 1.14 16.05 -9.73
C LEU A 219 2.02 15.80 -8.52
N ALA A 220 3.17 16.47 -8.48
CA ALA A 220 4.10 16.34 -7.36
C ALA A 220 3.54 17.04 -6.13
N GLU A 221 4.20 16.80 -5.00
CA GLU A 221 3.80 17.43 -3.75
C GLU A 221 3.87 18.95 -3.88
N GLY A 222 2.81 19.63 -3.43
CA GLY A 222 2.74 21.08 -3.51
C GLY A 222 2.04 21.62 -4.73
N THR A 223 1.74 20.78 -5.72
CA THR A 223 1.02 21.18 -6.93
C THR A 223 -0.39 20.62 -6.84
N TRP A 224 -1.39 21.50 -6.92
CA TRP A 224 -2.78 21.13 -6.74
C TRP A 224 -3.60 21.41 -8.00
N CYS A 225 -4.71 20.69 -8.13
CA CYS A 225 -5.70 20.88 -9.18
C CYS A 225 -7.02 20.32 -8.64
N PRO A 226 -8.14 21.01 -8.87
CA PRO A 226 -9.42 20.49 -8.39
C PRO A 226 -9.74 19.12 -8.99
N VAL A 227 -10.39 18.29 -8.19
CA VAL A 227 -10.77 16.93 -8.57
C VAL A 227 -12.27 16.81 -8.40
N ASN A 228 -12.98 16.52 -9.49
CA ASN A 228 -14.43 16.42 -9.44
C ASN A 228 -14.85 14.97 -9.22
N SER A 229 -16.17 14.74 -9.20
CA SER A 229 -16.71 13.43 -8.88
C SER A 229 -17.49 12.83 -10.04
N GLN A 230 -17.23 13.25 -11.27
CA GLN A 230 -17.97 12.77 -12.43
C GLN A 230 -17.20 11.74 -13.26
N ASN A 231 -15.88 11.61 -13.05
CA ASN A 231 -15.08 10.60 -13.74
C ASN A 231 -13.79 10.39 -12.98
N THR A 232 -13.88 10.00 -11.71
CA THR A 232 -12.74 9.99 -10.81
C THR A 232 -12.66 8.65 -10.08
N ALA A 233 -11.50 8.01 -10.16
CA ALA A 233 -11.25 6.76 -9.44
C ALA A 233 -10.49 7.06 -8.16
N VAL A 234 -10.92 6.46 -7.06
CA VAL A 234 -10.27 6.61 -5.76
C VAL A 234 -9.94 5.24 -5.22
N HIS A 235 -8.68 5.03 -4.84
CA HIS A 235 -8.31 3.80 -4.17
C HIS A 235 -9.03 3.69 -2.84
N ARG A 236 -9.32 2.46 -2.42
CA ARG A 236 -10.15 2.27 -1.24
C ARG A 236 -9.50 2.83 0.02
N ASP A 237 -8.16 2.86 0.05
CA ASP A 237 -7.47 3.48 1.19
C ASP A 237 -7.77 4.97 1.28
N ALA A 238 -7.84 5.64 0.13
CA ALA A 238 -8.14 7.07 0.09
C ALA A 238 -9.63 7.37 0.16
N LEU A 239 -10.48 6.35 0.05
CA LEU A 239 -11.92 6.56 0.07
C LEU A 239 -12.42 7.26 1.34
N PRO A 240 -11.92 6.96 2.55
CA PRO A 240 -12.43 7.68 3.73
C PRO A 240 -12.31 9.19 3.65
N ALA A 241 -11.37 9.72 2.87
CA ALA A 241 -11.19 11.16 2.74
C ALA A 241 -11.95 11.75 1.55
N TYR A 242 -12.79 10.96 0.88
CA TYR A 242 -13.48 11.39 -0.33
C TYR A 242 -14.96 11.66 -0.08
N TYR A 243 -15.32 12.00 1.16
CA TYR A 243 -16.70 12.32 1.50
C TYR A 243 -17.20 13.54 0.73
N PHE A 244 -18.36 13.40 0.09
CA PHE A 244 -18.96 14.47 -0.71
C PHE A 244 -19.59 15.49 0.23
N LEU A 245 -19.04 16.71 0.24
CA LEU A 245 -19.43 17.70 1.25
C LEU A 245 -20.89 18.11 1.08
N ARG A 246 -21.60 18.19 2.21
CA ARG A 246 -23.00 18.58 2.19
C ARG A 246 -23.15 20.06 1.88
N MET A 247 -24.00 20.38 0.91
CA MET A 247 -24.22 21.75 0.48
C MET A 247 -25.42 22.33 1.24
N GLY A 248 -25.86 23.51 0.82
CA GLY A 248 -27.01 24.16 1.42
C GLY A 248 -26.67 25.19 2.49
N GLN A 249 -25.41 25.28 2.89
CA GLN A 249 -25.02 26.26 3.89
C GLN A 249 -25.05 27.66 3.30
N PRO A 250 -25.64 28.64 3.98
CA PRO A 250 -25.68 30.00 3.43
C PRO A 250 -24.38 30.75 3.67
N VAL A 251 -24.07 31.62 2.70
CA VAL A 251 -22.96 32.56 2.81
C VAL A 251 -23.56 33.95 2.60
N ASP A 252 -23.60 34.75 3.66
CA ASP A 252 -24.33 36.02 3.66
C ASP A 252 -25.79 35.81 3.27
N GLY A 253 -26.36 34.69 3.69
CA GLY A 253 -27.75 34.38 3.44
C GLY A 253 -28.05 33.76 2.10
N VAL A 254 -27.04 33.32 1.36
CA VAL A 254 -27.23 32.69 0.06
C VAL A 254 -26.73 31.25 0.16
N PRO A 255 -27.60 30.25 0.00
CA PRO A 255 -27.15 28.87 0.14
C PRO A 255 -26.23 28.45 -0.99
N MET A 256 -25.14 27.76 -0.63
CA MET A 256 -24.19 27.26 -1.61
C MET A 256 -24.64 25.92 -2.17
N GLU A 257 -24.23 25.64 -3.40
CA GLU A 257 -24.48 24.35 -4.02
C GLU A 257 -23.42 24.13 -5.10
N ARG A 258 -23.41 22.91 -5.64
CA ARG A 258 -22.61 22.49 -6.79
C ARG A 258 -21.11 22.41 -6.51
N PHE A 259 -20.69 22.56 -5.25
CA PHE A 259 -19.27 22.50 -4.90
C PHE A 259 -18.96 21.38 -3.92
N GLY A 260 -19.87 20.41 -3.76
CA GLY A 260 -19.63 19.33 -2.83
C GLY A 260 -18.40 18.51 -3.18
N ASP A 261 -18.15 18.32 -4.48
CA ASP A 261 -16.99 17.56 -4.93
C ASP A 261 -15.75 18.44 -5.08
N ILE A 262 -15.92 19.76 -5.19
CA ILE A 262 -14.76 20.64 -5.15
C ILE A 262 -14.05 20.52 -3.80
N PHE A 263 -14.83 20.48 -2.72
CA PHE A 263 -14.24 20.30 -1.40
C PHE A 263 -13.70 18.88 -1.23
N SER A 264 -14.47 17.86 -1.64
CA SER A 264 -14.00 16.49 -1.52
C SER A 264 -12.74 16.28 -2.37
N GLY A 265 -12.70 16.88 -3.55
CA GLY A 265 -11.53 16.71 -4.41
C GLY A 265 -10.28 17.34 -3.81
N TYR A 266 -10.42 18.52 -3.21
CA TYR A 266 -9.27 19.15 -2.56
C TYR A 266 -8.92 18.46 -1.25
N PHE A 267 -9.92 17.94 -0.53
CA PHE A 267 -9.66 17.32 0.77
C PHE A 267 -8.93 16.00 0.61
N VAL A 268 -9.40 15.14 -0.31
CA VAL A 268 -8.72 13.87 -0.54
C VAL A 268 -7.34 14.11 -1.12
N GLN A 269 -7.14 15.24 -1.80
CA GLN A 269 -5.86 15.58 -2.40
C GLN A 269 -4.87 16.07 -1.37
N VAL A 270 -5.32 16.89 -0.41
CA VAL A 270 -4.44 17.32 0.67
C VAL A 270 -4.10 16.15 1.58
N CYS A 271 -5.07 15.28 1.85
CA CYS A 271 -4.81 14.12 2.69
C CYS A 271 -3.86 13.14 2.02
N ALA A 272 -4.01 12.95 0.70
CA ALA A 272 -3.14 12.03 -0.03
C ALA A 272 -1.70 12.51 -0.03
N GLN A 273 -1.48 13.81 -0.29
CA GLN A 273 -0.12 14.31 -0.33
C GLN A 273 0.54 14.26 1.04
N HIS A 274 -0.23 14.45 2.12
CA HIS A 274 0.35 14.31 3.46
C HIS A 274 0.82 12.88 3.71
N LEU A 275 0.13 11.90 3.14
CA LEU A 275 0.50 10.49 3.29
C LEU A 275 1.44 10.02 2.20
N GLY A 276 2.01 10.93 1.42
CA GLY A 276 2.94 10.55 0.37
C GLY A 276 2.31 10.05 -0.89
N HIS A 277 1.01 10.28 -1.09
CA HIS A 277 0.29 9.82 -2.27
C HIS A 277 0.01 10.99 -3.20
N ALA A 278 -0.42 10.67 -4.42
CA ALA A 278 -0.51 11.65 -5.49
C ALA A 278 -1.83 11.54 -6.24
N VAL A 279 -2.14 12.60 -6.99
CA VAL A 279 -3.32 12.66 -7.83
C VAL A 279 -2.87 12.65 -9.29
N ARG A 280 -3.57 11.87 -10.11
CA ARG A 280 -3.29 11.75 -11.53
C ARG A 280 -4.44 12.34 -12.33
N PHE A 281 -4.11 12.99 -13.45
CA PHE A 281 -5.10 13.58 -14.35
C PHE A 281 -4.86 13.10 -15.77
N GLY A 282 -5.93 12.78 -16.47
CA GLY A 282 -5.82 12.35 -17.85
C GLY A 282 -6.83 11.29 -18.25
N ASP A 283 -6.35 10.15 -18.74
CA ASP A 283 -7.24 9.06 -19.13
C ASP A 283 -7.74 8.31 -17.90
N PRO A 284 -8.88 7.62 -18.00
CA PRO A 284 -9.74 7.47 -19.18
C PRO A 284 -10.64 8.68 -19.41
N VAL A 285 -10.81 9.06 -20.67
CA VAL A 285 -11.59 10.23 -21.04
C VAL A 285 -13.02 9.79 -21.37
N VAL A 286 -14.00 10.54 -20.88
CA VAL A 286 -15.40 10.26 -21.10
C VAL A 286 -16.01 11.40 -21.93
N GLU A 287 -17.16 11.10 -22.52
CA GLU A 287 -18.01 12.13 -23.11
C GLU A 287 -18.96 12.66 -22.04
N HIS A 288 -19.13 13.98 -22.02
CA HIS A 288 -20.01 14.64 -21.06
C HIS A 288 -21.06 15.43 -21.82
N PRO A 289 -22.09 14.76 -22.37
CA PRO A 289 -23.25 15.50 -22.87
C PRO A 289 -24.10 15.99 -21.70
N ARG A 290 -23.72 17.14 -21.15
CA ARG A 290 -24.22 17.56 -19.85
C ARG A 290 -25.74 17.67 -19.84
N ASN A 291 -26.34 17.20 -18.75
CA ASN A 291 -27.77 17.38 -18.53
C ASN A 291 -28.12 18.87 -18.63
N GLU A 292 -29.35 19.14 -19.05
CA GLU A 292 -29.76 20.52 -19.22
C GLU A 292 -29.81 21.24 -17.87
N HIS A 293 -29.20 22.42 -17.83
CA HIS A 293 -29.17 23.24 -16.62
C HIS A 293 -29.57 24.66 -16.96
N ASP A 294 -30.18 25.32 -15.98
CA ASP A 294 -30.34 26.77 -16.01
C ASP A 294 -29.01 27.37 -15.55
N LEU A 295 -28.25 27.94 -16.50
CA LEU A 295 -26.90 28.38 -16.18
C LEU A 295 -26.90 29.53 -15.17
N LEU A 296 -27.87 30.44 -15.27
CA LEU A 296 -27.98 31.49 -14.27
C LEU A 296 -28.32 30.94 -12.89
N ASP A 297 -29.06 29.83 -12.83
CA ASP A 297 -29.32 29.20 -11.55
C ASP A 297 -28.06 28.51 -11.01
N ASP A 298 -27.28 27.88 -11.91
CA ASP A 298 -26.00 27.31 -11.50
C ASP A 298 -25.09 28.40 -10.92
N LEU A 299 -25.07 29.57 -11.55
CA LEU A 299 -24.26 30.67 -11.05
C LEU A 299 -24.71 31.12 -9.66
N HIS A 300 -26.02 31.25 -9.46
CA HIS A 300 -26.55 31.65 -8.16
C HIS A 300 -26.18 30.64 -7.09
N LYS A 301 -26.10 29.36 -7.46
CA LYS A 301 -25.74 28.32 -6.49
C LYS A 301 -24.25 28.25 -6.24
N GLU A 302 -23.42 28.58 -7.24
CA GLU A 302 -21.97 28.43 -7.08
C GLU A 302 -21.30 29.64 -6.46
N VAL A 303 -21.85 30.85 -6.66
CA VAL A 303 -21.20 32.05 -6.16
C VAL A 303 -20.92 32.01 -4.66
N PRO A 304 -21.85 31.58 -3.80
CA PRO A 304 -21.52 31.53 -2.35
C PRO A 304 -20.26 30.75 -2.02
N ALA A 305 -20.03 29.63 -2.71
CA ALA A 305 -18.82 28.86 -2.43
C ALA A 305 -17.60 29.47 -3.09
N VAL A 306 -17.76 30.01 -4.31
CA VAL A 306 -16.65 30.67 -4.99
C VAL A 306 -16.09 31.81 -4.15
N ARG A 307 -16.94 32.50 -3.40
CA ARG A 307 -16.49 33.65 -2.62
C ARG A 307 -15.54 33.26 -1.48
N LEU A 308 -15.55 32.00 -1.08
CA LEU A 308 -14.74 31.55 0.05
C LEU A 308 -13.59 30.63 -0.35
N LEU A 309 -13.61 30.09 -1.57
CA LEU A 309 -12.69 29.00 -1.92
C LEU A 309 -11.24 29.46 -1.94
N ASP A 310 -10.95 30.63 -2.50
CA ASP A 310 -9.57 31.10 -2.57
C ASP A 310 -8.96 31.24 -1.18
N ASP A 311 -9.73 31.76 -0.23
CA ASP A 311 -9.22 31.92 1.13
C ASP A 311 -9.00 30.57 1.81
N ILE A 312 -9.94 29.65 1.64
CA ILE A 312 -9.81 28.33 2.26
C ILE A 312 -8.57 27.62 1.75
N LEU A 313 -8.36 27.64 0.43
CA LEU A 313 -7.21 26.97 -0.15
C LEU A 313 -5.90 27.59 0.31
N ASP A 314 -5.87 28.91 0.45
CA ASP A 314 -4.65 29.58 0.90
C ASP A 314 -4.27 29.14 2.31
N HIS A 315 -5.25 29.05 3.21
CA HIS A 315 -4.98 28.62 4.57
C HIS A 315 -4.68 27.12 4.66
N LEU A 316 -5.16 26.32 3.70
CA LEU A 316 -4.86 24.89 3.75
C LEU A 316 -3.39 24.63 3.43
N ARG A 317 -2.72 25.53 2.70
CA ARG A 317 -1.30 25.37 2.44
C ARG A 317 -0.44 25.65 3.66
N ASP A 318 -0.99 26.29 4.69
CA ASP A 318 -0.24 26.66 5.88
C ASP A 318 -0.61 25.83 7.10
N HIS A 319 -1.54 24.88 6.97
CA HIS A 319 -1.93 24.01 8.08
C HIS A 319 -1.42 22.60 7.82
N PRO A 320 -0.34 22.18 8.47
CA PRO A 320 0.11 20.80 8.31
C PRO A 320 -0.79 19.84 9.08
N LEU A 321 -0.98 18.66 8.50
CA LEU A 321 -1.93 17.69 9.04
C LEU A 321 -1.20 16.56 9.76
N GLU A 322 -1.93 15.91 10.66
CA GLU A 322 -1.46 14.74 11.39
C GLU A 322 -2.23 13.51 10.93
N GLY A 323 -1.68 12.33 11.23
CA GLY A 323 -2.34 11.08 10.93
C GLY A 323 -1.45 10.14 10.14
N GLY A 324 -1.68 8.84 10.33
CA GLY A 324 -0.92 7.81 9.65
C GLY A 324 -1.68 7.16 8.51
N ASP A 325 -3.00 7.35 8.47
CA ASP A 325 -3.82 6.85 7.38
C ASP A 325 -4.84 7.92 7.01
N TYR A 326 -5.71 7.60 6.05
CA TYR A 326 -6.64 8.60 5.55
C TYR A 326 -7.71 8.95 6.58
N LEU A 327 -8.12 8.00 7.43
CA LEU A 327 -9.11 8.29 8.45
C LEU A 327 -8.57 9.31 9.46
N GLU A 328 -7.38 9.05 10.01
CA GLU A 328 -6.79 9.98 10.97
C GLU A 328 -6.46 11.32 10.30
N THR A 329 -6.00 11.28 9.05
CA THR A 329 -5.61 12.51 8.37
C THR A 329 -6.83 13.35 8.03
N TYR A 330 -7.95 12.70 7.67
CA TYR A 330 -9.17 13.45 7.36
C TYR A 330 -9.74 14.11 8.61
N GLU A 331 -9.70 13.40 9.75
CA GLU A 331 -10.14 14.00 11.00
C GLU A 331 -9.24 15.16 11.40
N SER A 332 -7.93 15.01 11.22
CA SER A 332 -7.02 16.13 11.46
C SER A 332 -7.37 17.31 10.56
N LEU A 333 -7.69 17.03 9.30
CA LEU A 333 -8.09 18.09 8.37
C LEU A 333 -9.35 18.80 8.85
N SER A 334 -10.33 18.04 9.35
CA SER A 334 -11.57 18.64 9.82
C SER A 334 -11.32 19.64 10.95
N TYR A 335 -10.43 19.29 11.88
CA TYR A 335 -10.09 20.23 12.94
C TYR A 335 -9.33 21.43 12.41
N ALA A 336 -8.50 21.23 11.38
CA ALA A 336 -7.79 22.35 10.76
C ALA A 336 -8.77 23.34 10.13
N LEU A 337 -9.85 22.84 9.53
CA LEU A 337 -10.84 23.71 8.94
C LEU A 337 -11.51 24.59 9.98
N GLN A 338 -11.70 24.07 11.20
CA GLN A 338 -12.33 24.86 12.26
C GLN A 338 -11.41 25.98 12.73
N GLU A 339 -10.10 25.73 12.79
CA GLU A 339 -9.16 26.80 13.09
C GLU A 339 -9.15 27.85 11.98
N ILE A 340 -9.18 27.40 10.72
CA ILE A 340 -9.20 28.32 9.60
C ILE A 340 -10.44 29.19 9.63
N ALA A 341 -11.57 28.64 10.09
CA ALA A 341 -12.83 29.36 10.09
C ALA A 341 -12.76 30.61 10.96
N GLU A 342 -11.93 30.60 12.00
CA GLU A 342 -11.83 31.75 12.91
C GLU A 342 -10.65 32.66 12.60
N ARG A 343 -9.68 32.20 11.82
CA ARG A 343 -8.53 33.04 11.49
C ARG A 343 -8.74 33.83 10.21
N VAL A 344 -9.46 33.28 9.24
CA VAL A 344 -9.60 33.93 7.94
C VAL A 344 -10.43 35.20 8.09
N ASN A 345 -10.11 36.21 7.27
CA ASN A 345 -10.80 37.48 7.27
C ASN A 345 -11.16 37.88 5.85
N GLY A 346 -12.23 38.63 5.72
CA GLY A 346 -12.72 39.06 4.42
C GLY A 346 -14.17 39.44 4.49
N ARG A 347 -14.59 40.23 3.48
CA ARG A 347 -15.97 40.71 3.45
C ARG A 347 -16.96 39.55 3.32
N ALA A 348 -16.54 38.44 2.72
CA ALA A 348 -17.43 37.30 2.54
C ALA A 348 -17.50 36.39 3.76
N TRP A 349 -16.68 36.64 4.79
CA TRP A 349 -16.64 35.77 5.96
C TRP A 349 -17.55 36.32 7.06
N SER A 350 -18.85 36.23 6.79
CA SER A 350 -19.87 36.54 7.78
C SER A 350 -19.98 35.39 8.77
N PRO A 351 -20.71 35.59 9.88
CA PRO A 351 -20.84 34.48 10.86
C PRO A 351 -21.41 33.19 10.26
N ASP A 352 -22.25 33.26 9.24
CA ASP A 352 -22.74 32.02 8.65
C ASP A 352 -21.70 31.38 7.74
N ALA A 353 -20.84 32.19 7.11
CA ALA A 353 -19.75 31.64 6.31
C ALA A 353 -18.75 30.89 7.19
N ARG A 354 -18.47 31.41 8.37
CA ARG A 354 -17.56 30.73 9.28
C ARG A 354 -18.19 29.47 9.85
N ALA A 355 -19.47 29.54 10.21
CA ALA A 355 -20.16 28.37 10.74
C ALA A 355 -20.32 27.27 9.69
N PHE A 356 -20.22 27.61 8.41
CA PHE A 356 -20.24 26.59 7.37
C PHE A 356 -19.09 25.60 7.53
N LEU A 357 -17.89 26.11 7.81
CA LEU A 357 -16.75 25.22 8.02
C LEU A 357 -16.89 24.40 9.30
N HIS A 358 -17.54 24.97 10.32
CA HIS A 358 -17.68 24.25 11.58
C HIS A 358 -18.67 23.10 11.45
N ARG A 359 -19.80 23.33 10.78
CA ARG A 359 -20.74 22.23 10.57
C ARG A 359 -20.19 21.20 9.60
N SER A 360 -19.46 21.66 8.58
CA SER A 360 -18.83 20.73 7.64
C SER A 360 -17.84 19.82 8.36
N ALA A 361 -17.06 20.37 9.30
CA ALA A 361 -16.08 19.56 10.02
C ALA A 361 -16.75 18.49 10.86
N HIS A 362 -17.85 18.83 11.53
CA HIS A 362 -18.60 17.83 12.27
C HIS A 362 -19.11 16.73 11.35
N LEU A 363 -19.65 17.12 10.18
CA LEU A 363 -20.17 16.14 9.24
C LEU A 363 -19.06 15.24 8.70
N MET A 364 -17.87 15.81 8.49
CA MET A 364 -16.73 15.01 8.08
C MET A 364 -16.39 13.95 9.12
N ARG A 365 -16.45 14.32 10.40
CA ARG A 365 -16.15 13.37 11.46
C ARG A 365 -17.31 12.42 11.72
N SER A 366 -18.54 12.87 11.45
CA SER A 366 -19.67 11.95 11.45
C SER A 366 -19.50 10.89 10.37
N TRP A 367 -18.96 11.29 9.22
CA TRP A 367 -18.66 10.34 8.15
C TRP A 367 -17.59 9.34 8.56
N THR A 368 -16.46 9.84 9.10
CA THR A 368 -15.40 8.92 9.52
C THR A 368 -15.86 8.02 10.66
N GLY A 369 -16.74 8.51 11.53
CA GLY A 369 -17.25 7.67 12.59
C GLY A 369 -18.06 6.50 12.09
N ALA A 370 -18.86 6.73 11.04
CA ALA A 370 -19.59 5.64 10.41
C ALA A 370 -18.63 4.67 9.74
N LEU A 371 -17.55 5.18 9.15
CA LEU A 371 -16.57 4.32 8.52
C LEU A 371 -15.87 3.44 9.55
N ARG A 372 -15.56 4.01 10.72
CA ARG A 372 -14.99 3.20 11.80
C ARG A 372 -16.00 2.20 12.33
N THR A 373 -17.27 2.61 12.43
CA THR A 373 -18.31 1.70 12.92
C THR A 373 -18.49 0.51 11.97
N VAL A 374 -18.36 0.74 10.66
CA VAL A 374 -18.45 -0.36 9.71
C VAL A 374 -17.34 -1.37 9.94
N ALA A 375 -16.09 -0.90 9.97
CA ALA A 375 -14.95 -1.78 10.18
C ALA A 375 -14.70 -2.02 11.66
N HIS B 1 -22.03 -4.38 6.62
CA HIS B 1 -21.79 -5.46 5.67
C HIS B 1 -20.34 -5.45 5.19
N MET B 2 -19.41 -5.40 6.14
CA MET B 2 -17.99 -5.34 5.82
C MET B 2 -17.54 -6.68 5.24
N SER B 3 -17.23 -6.70 3.94
CA SER B 3 -16.84 -7.91 3.25
C SER B 3 -15.67 -7.59 2.32
N GLY B 4 -15.24 -8.60 1.57
CA GLY B 4 -14.17 -8.43 0.60
C GLY B 4 -12.77 -8.62 1.13
N ARG B 5 -12.61 -8.94 2.40
CA ARG B 5 -11.29 -9.15 3.00
C ARG B 5 -10.88 -10.60 2.83
N ASP B 6 -9.81 -10.84 2.07
CA ASP B 6 -9.34 -12.20 1.83
C ASP B 6 -7.85 -12.13 1.50
N ILE B 7 -7.02 -12.36 2.51
CA ILE B 7 -5.56 -12.27 2.37
C ILE B 7 -5.02 -13.65 2.04
N SER B 8 -4.20 -13.72 0.98
CA SER B 8 -3.57 -14.96 0.58
C SER B 8 -2.18 -15.08 1.19
N THR B 9 -1.86 -16.29 1.65
CA THR B 9 -0.59 -16.58 2.31
C THR B 9 0.03 -17.82 1.69
N ALA B 10 1.32 -17.74 1.37
CA ALA B 10 2.10 -18.88 0.89
C ALA B 10 3.29 -19.09 1.81
N VAL B 11 3.49 -20.32 2.24
CA VAL B 11 4.60 -20.68 3.12
C VAL B 11 5.69 -21.33 2.28
N VAL B 12 6.93 -20.87 2.45
CA VAL B 12 8.07 -21.34 1.68
C VAL B 12 8.98 -22.13 2.60
N VAL B 13 9.26 -23.38 2.24
CA VAL B 13 10.15 -24.25 2.99
C VAL B 13 11.00 -25.02 1.99
N THR B 14 12.31 -24.96 2.15
CA THR B 14 13.22 -25.82 1.41
C THR B 14 13.80 -26.85 2.38
N THR B 15 13.95 -28.08 1.92
CA THR B 15 14.30 -29.16 2.83
C THR B 15 14.89 -30.34 2.06
N ILE B 16 15.73 -31.09 2.76
CA ILE B 16 16.24 -32.36 2.27
C ILE B 16 15.75 -33.53 3.12
N SER B 17 14.77 -33.29 3.98
CA SER B 17 14.23 -34.34 4.83
C SER B 17 13.29 -35.24 4.03
N ASP B 18 12.76 -36.26 4.69
CA ASP B 18 11.84 -37.20 4.05
C ASP B 18 10.40 -36.72 4.04
N GLY B 19 10.12 -35.56 4.65
CA GLY B 19 8.79 -34.99 4.65
C GLY B 19 7.97 -35.27 5.90
N GLY B 20 8.54 -35.92 6.91
CA GLY B 20 7.81 -36.18 8.13
C GLY B 20 7.40 -34.94 8.88
N PHE B 21 8.10 -33.83 8.67
CA PHE B 21 7.76 -32.58 9.34
C PHE B 21 6.38 -32.07 8.91
N LEU B 22 5.86 -32.54 7.79
CA LEU B 22 4.56 -32.10 7.32
C LEU B 22 3.42 -32.55 8.25
N ASP B 23 3.64 -33.58 9.06
CA ASP B 23 2.58 -34.05 9.94
C ASP B 23 2.22 -33.03 11.00
N ARG B 24 3.17 -32.22 11.44
CA ARG B 24 2.91 -31.19 12.45
C ARG B 24 2.80 -29.79 11.87
N LEU B 25 3.22 -29.60 10.61
CA LEU B 25 3.14 -28.29 9.97
C LEU B 25 1.85 -28.10 9.18
N ALA B 26 1.31 -29.17 8.60
CA ALA B 26 0.12 -29.04 7.76
C ALA B 26 -1.13 -28.57 8.50
N PRO B 27 -1.44 -29.03 9.73
CA PRO B 27 -2.72 -28.61 10.34
C PRO B 27 -2.94 -27.11 10.41
N ALA B 28 -1.93 -26.35 10.82
CA ALA B 28 -2.09 -24.90 10.88
C ALA B 28 -2.28 -24.30 9.49
N LEU B 29 -1.54 -24.80 8.50
CA LEU B 29 -1.66 -24.28 7.14
C LEU B 29 -2.93 -24.76 6.46
N ARG B 30 -3.39 -25.98 6.78
CA ARG B 30 -4.61 -26.50 6.17
C ARG B 30 -5.84 -25.75 6.70
N ASP B 31 -5.88 -25.47 8.01
CA ASP B 31 -7.03 -24.80 8.59
C ASP B 31 -7.19 -23.39 8.04
N ALA B 32 -6.09 -22.75 7.64
CA ALA B 32 -6.12 -21.40 7.10
C ALA B 32 -6.17 -21.36 5.58
N GLY B 33 -6.09 -22.52 4.92
CA GLY B 33 -6.14 -22.56 3.47
C GLY B 33 -4.90 -22.03 2.79
N ALA B 34 -3.81 -21.81 3.51
CA ALA B 34 -2.60 -21.25 2.93
C ALA B 34 -1.92 -22.28 2.03
N ARG B 35 -1.07 -21.78 1.14
CA ARG B 35 -0.28 -22.63 0.27
C ARG B 35 1.10 -22.87 0.87
N LEU B 36 1.58 -24.11 0.76
CA LEU B 36 2.92 -24.48 1.18
C LEU B 36 3.71 -24.83 -0.07
N ILE B 37 4.83 -24.14 -0.28
CA ILE B 37 5.72 -24.39 -1.41
C ILE B 37 6.96 -25.07 -0.84
N VAL B 38 7.08 -26.38 -1.06
CA VAL B 38 8.23 -27.14 -0.61
C VAL B 38 9.23 -27.20 -1.76
N ILE B 39 10.44 -26.68 -1.53
CA ILE B 39 11.48 -26.63 -2.56
C ILE B 39 12.46 -27.77 -2.28
N PRO B 40 12.45 -28.85 -3.05
CA PRO B 40 13.46 -29.90 -2.89
C PRO B 40 14.74 -29.55 -3.65
N ASP B 41 15.76 -30.36 -3.40
CA ASP B 41 17.08 -30.18 -4.01
C ASP B 41 17.49 -31.49 -4.66
N ARG B 42 18.68 -31.48 -5.28
CA ARG B 42 19.19 -32.70 -5.91
C ARG B 42 19.56 -33.76 -4.88
N ASN B 43 19.89 -33.36 -3.65
CA ASN B 43 20.15 -34.30 -2.57
C ASN B 43 18.91 -34.57 -1.73
N THR B 44 17.73 -34.29 -2.25
CA THR B 44 16.46 -34.58 -1.57
C THR B 44 15.90 -35.90 -2.09
N GLY B 45 15.61 -36.81 -1.16
CA GLY B 45 15.12 -38.12 -1.51
C GLY B 45 13.70 -38.12 -2.04
N PRO B 46 13.28 -39.22 -2.66
CA PRO B 46 11.92 -39.29 -3.20
C PRO B 46 10.84 -39.39 -2.13
N ALA B 47 11.20 -39.62 -0.87
CA ALA B 47 10.20 -39.71 0.20
C ALA B 47 9.51 -38.38 0.46
N LEU B 48 10.16 -37.26 0.14
CA LEU B 48 9.53 -35.96 0.34
C LEU B 48 8.36 -35.76 -0.62
N PHE B 49 8.52 -36.18 -1.88
CA PHE B 49 7.44 -36.06 -2.84
C PHE B 49 6.25 -36.92 -2.44
N ALA B 50 6.51 -38.10 -1.88
CA ALA B 50 5.42 -38.96 -1.44
C ALA B 50 4.70 -38.38 -0.24
N ALA B 51 5.41 -37.61 0.59
CA ALA B 51 4.78 -37.00 1.76
C ALA B 51 3.94 -35.79 1.39
N CYS B 52 4.36 -35.02 0.39
CA CYS B 52 3.57 -33.88 -0.06
C CYS B 52 2.27 -34.33 -0.68
N GLU B 53 2.31 -35.37 -1.52
CA GLU B 53 1.09 -35.89 -2.14
C GLU B 53 0.15 -36.48 -1.10
N ARG B 54 0.71 -37.15 -0.08
CA ARG B 54 -0.12 -37.71 0.98
C ARG B 54 -0.85 -36.61 1.75
N HIS B 55 -0.16 -35.52 2.05
CA HIS B 55 -0.79 -34.39 2.72
C HIS B 55 -1.65 -33.55 1.79
N ARG B 56 -1.41 -33.62 0.48
CA ARG B 56 -2.24 -32.89 -0.46
C ARG B 56 -3.64 -33.49 -0.54
N ARG B 57 -3.74 -34.83 -0.44
CA ARG B 57 -5.03 -35.49 -0.42
C ARG B 57 -5.80 -35.22 0.87
N LEU B 58 -5.14 -34.70 1.91
CA LEU B 58 -5.80 -34.37 3.15
C LEU B 58 -6.33 -32.94 3.19
N GLY B 59 -6.04 -32.14 2.16
CA GLY B 59 -6.60 -30.80 2.09
C GLY B 59 -5.57 -29.69 2.10
N LEU B 60 -4.29 -30.04 2.07
CA LEU B 60 -3.22 -29.05 2.12
C LEU B 60 -2.84 -28.65 0.69
N ASP B 61 -2.90 -27.35 0.41
CA ASP B 61 -2.44 -26.81 -0.88
C ASP B 61 -0.92 -26.76 -0.84
N VAL B 62 -0.30 -27.91 -1.08
CA VAL B 62 1.15 -28.05 -1.05
C VAL B 62 1.62 -28.39 -2.46
N VAL B 63 2.68 -27.72 -2.90
CA VAL B 63 3.33 -28.01 -4.17
C VAL B 63 4.80 -28.29 -3.88
N CYS B 64 5.40 -29.12 -4.73
CA CYS B 64 6.80 -29.54 -4.56
C CYS B 64 7.45 -29.66 -5.93
N PRO B 65 7.88 -28.53 -6.52
CA PRO B 65 8.43 -28.57 -7.88
C PRO B 65 9.77 -29.28 -7.91
N SER B 66 9.90 -30.25 -8.81
CA SER B 66 11.16 -30.96 -8.96
C SER B 66 12.26 -30.01 -9.42
N VAL B 67 13.51 -30.46 -9.26
CA VAL B 67 14.65 -29.62 -9.64
C VAL B 67 14.64 -29.32 -11.12
N ALA B 68 14.10 -30.24 -11.93
CA ALA B 68 13.95 -29.96 -13.36
C ALA B 68 12.95 -28.82 -13.59
N GLU B 69 11.83 -28.82 -12.85
CA GLU B 69 10.86 -27.76 -12.99
C GLU B 69 11.40 -26.43 -12.45
N GLN B 70 12.14 -26.48 -11.34
CA GLN B 70 12.77 -25.28 -10.84
C GLN B 70 13.76 -24.71 -11.85
N GLN B 71 14.62 -25.56 -12.40
CA GLN B 71 15.65 -25.08 -13.32
C GLN B 71 15.05 -24.58 -14.62
N ASP B 72 13.93 -25.15 -15.06
CA ASP B 72 13.28 -24.66 -16.26
C ASP B 72 12.75 -23.25 -16.07
N LEU B 73 12.11 -22.98 -14.94
CA LEU B 73 11.64 -21.63 -14.63
C LEU B 73 12.81 -20.64 -14.57
N LEU B 74 13.88 -21.03 -13.88
CA LEU B 74 15.05 -20.15 -13.78
C LEU B 74 15.69 -19.94 -15.15
N GLU B 75 15.71 -20.98 -15.99
CA GLU B 75 16.22 -20.83 -17.35
C GLU B 75 15.40 -19.82 -18.14
N ARG B 76 14.07 -19.86 -18.01
CA ARG B 76 13.21 -18.94 -18.76
C ARG B 76 13.32 -17.50 -18.25
N LEU B 77 13.85 -17.30 -17.06
CA LEU B 77 14.05 -15.97 -16.50
C LEU B 77 15.47 -15.48 -16.68
N ALA B 78 16.28 -16.20 -17.48
CA ALA B 78 17.66 -15.81 -17.78
C ALA B 78 18.53 -15.75 -16.52
N VAL B 79 18.24 -16.62 -15.55
CA VAL B 79 19.07 -16.72 -14.35
C VAL B 79 19.38 -18.19 -14.04
N PRO B 80 19.98 -18.94 -14.96
CA PRO B 80 20.21 -20.37 -14.70
C PRO B 80 21.30 -20.63 -13.67
N ASP B 81 22.22 -19.70 -13.46
CA ASP B 81 23.34 -19.89 -12.54
C ASP B 81 23.15 -19.14 -11.22
N LEU B 82 21.97 -18.55 -10.99
CA LEU B 82 21.78 -17.70 -9.82
C LEU B 82 21.71 -18.54 -8.54
N ILE B 83 20.92 -19.60 -8.56
CA ILE B 83 20.61 -20.39 -7.36
C ILE B 83 21.37 -21.70 -7.45
N PRO B 84 22.28 -22.00 -6.52
CA PRO B 84 23.03 -23.24 -6.59
C PRO B 84 22.25 -24.41 -6.00
N TYR B 85 22.77 -25.61 -6.24
CA TYR B 85 22.20 -26.82 -5.68
C TYR B 85 22.96 -27.25 -4.43
N HIS B 86 22.39 -28.22 -3.71
CA HIS B 86 22.91 -28.69 -2.43
C HIS B 86 23.08 -27.51 -1.46
N SER B 87 22.05 -26.68 -1.38
CA SER B 87 22.10 -25.48 -0.57
C SER B 87 20.67 -25.05 -0.22
N ASP B 88 20.48 -24.55 1.00
CA ASP B 88 19.19 -23.99 1.37
C ASP B 88 18.95 -22.64 0.73
N ASN B 89 19.87 -22.15 -0.11
CA ASN B 89 19.60 -20.98 -0.92
C ASN B 89 18.46 -21.20 -1.90
N ARG B 90 18.10 -22.46 -2.15
CA ARG B 90 17.01 -22.77 -3.08
C ARG B 90 15.65 -22.31 -2.58
N ARG B 91 15.54 -21.84 -1.33
CA ARG B 91 14.31 -21.22 -0.88
C ARG B 91 13.99 -19.97 -1.68
N ASN B 92 14.98 -19.39 -2.36
CA ASN B 92 14.73 -18.27 -3.26
C ASN B 92 13.78 -18.66 -4.37
N VAL B 93 13.76 -19.93 -4.77
CA VAL B 93 12.78 -20.40 -5.75
C VAL B 93 11.39 -20.26 -5.19
N GLY B 94 11.18 -20.65 -3.93
CA GLY B 94 9.87 -20.54 -3.33
C GLY B 94 9.43 -19.11 -3.14
N TYR B 95 10.36 -18.22 -2.76
CA TYR B 95 10.05 -16.80 -2.71
C TYR B 95 9.54 -16.31 -4.06
N LEU B 96 10.27 -16.65 -5.12
CA LEU B 96 9.91 -16.20 -6.46
C LEU B 96 8.58 -16.81 -6.92
N MET B 97 8.38 -18.11 -6.64
CA MET B 97 7.15 -18.76 -7.06
C MET B 97 5.93 -18.14 -6.37
N ALA B 98 6.02 -17.93 -5.06
CA ALA B 98 4.91 -17.31 -4.35
C ALA B 98 4.67 -15.88 -4.83
N TRP B 99 5.73 -15.18 -5.23
CA TRP B 99 5.59 -13.82 -5.72
C TRP B 99 4.94 -13.80 -7.10
N MET B 100 5.29 -14.76 -7.96
CA MET B 100 4.68 -14.83 -9.28
C MET B 100 3.19 -15.17 -9.18
N GLU B 101 2.81 -16.01 -8.22
CA GLU B 101 1.43 -16.44 -8.06
C GLU B 101 0.58 -15.42 -7.31
N GLY B 102 1.14 -14.27 -6.94
CA GLY B 102 0.35 -13.16 -6.44
C GLY B 102 -0.08 -13.24 -5.00
N PHE B 103 0.58 -14.07 -4.19
CA PHE B 103 0.19 -14.17 -2.79
C PHE B 103 0.49 -12.88 -2.04
N ASP B 104 -0.38 -12.55 -1.08
CA ASP B 104 -0.21 -11.33 -0.30
C ASP B 104 0.93 -11.46 0.69
N VAL B 105 1.02 -12.61 1.37
CA VAL B 105 1.99 -12.85 2.43
C VAL B 105 2.85 -14.03 2.03
N ILE B 106 4.16 -13.90 2.19
CA ILE B 106 5.12 -14.98 1.97
C ILE B 106 5.81 -15.24 3.30
N VAL B 107 5.58 -16.43 3.86
CA VAL B 107 6.13 -16.81 5.16
C VAL B 107 7.28 -17.77 4.92
N SER B 108 8.50 -17.34 5.25
CA SER B 108 9.68 -18.20 5.15
C SER B 108 9.81 -19.03 6.42
N MET B 109 9.93 -20.34 6.25
CA MET B 109 10.10 -21.26 7.37
C MET B 109 11.13 -22.31 7.00
N ASP B 110 11.62 -23.02 8.01
CA ASP B 110 12.45 -24.20 7.85
C ASP B 110 11.64 -25.43 8.28
N ASP B 111 12.18 -26.61 7.96
CA ASP B 111 11.47 -27.86 8.21
C ASP B 111 11.50 -28.29 9.67
N ASP B 112 12.05 -27.47 10.57
CA ASP B 112 12.07 -27.79 11.99
C ASP B 112 11.44 -26.67 12.81
N ASN B 113 10.47 -25.96 12.23
CA ASN B 113 9.71 -24.92 12.92
C ASN B 113 8.24 -25.31 12.88
N LEU B 114 7.67 -25.61 14.04
CA LEU B 114 6.28 -26.05 14.14
C LEU B 114 5.44 -24.98 14.80
N PRO B 115 4.34 -24.55 14.18
CA PRO B 115 3.46 -23.56 14.82
C PRO B 115 2.90 -24.09 16.13
N THR B 116 2.71 -23.18 17.08
CA THR B 116 2.20 -23.53 18.40
C THR B 116 0.74 -23.15 18.61
N THR B 117 0.21 -22.22 17.81
CA THR B 117 -1.16 -21.77 17.95
C THR B 117 -1.91 -21.98 16.64
N ASP B 118 -3.25 -21.97 16.74
CA ASP B 118 -4.07 -22.20 15.55
C ASP B 118 -4.10 -20.98 14.63
N ASP B 119 -3.93 -19.77 15.20
CA ASP B 119 -3.94 -18.55 14.41
C ASP B 119 -2.57 -18.20 13.84
N PHE B 120 -1.74 -19.21 13.52
CA PHE B 120 -0.39 -18.95 13.03
C PHE B 120 -0.42 -18.10 11.77
N VAL B 121 -1.20 -18.51 10.76
CA VAL B 121 -1.26 -17.76 9.51
C VAL B 121 -1.88 -16.39 9.75
N GLU B 122 -2.95 -16.33 10.55
CA GLU B 122 -3.64 -15.06 10.79
C GLU B 122 -2.72 -14.04 11.44
N ARG B 123 -1.90 -14.48 12.40
CA ARG B 123 -0.97 -13.56 13.05
C ARG B 123 0.07 -13.03 12.06
N HIS B 124 0.50 -13.87 11.12
CA HIS B 124 1.44 -13.42 10.10
C HIS B 124 0.80 -12.49 9.08
N GLN B 125 -0.53 -12.41 9.02
CA GLN B 125 -1.19 -11.48 8.10
C GLN B 125 -1.02 -10.03 8.51
N VAL B 126 -0.36 -9.77 9.64
CA VAL B 126 -0.14 -8.40 10.11
C VAL B 126 0.65 -7.57 9.12
N VAL B 127 1.39 -8.21 8.22
CA VAL B 127 2.18 -7.50 7.23
C VAL B 127 1.28 -6.92 6.14
N CYS B 128 -0.03 -7.23 6.22
CA CYS B 128 -1.03 -6.68 5.31
C CYS B 128 -1.94 -5.67 5.98
N GLN B 129 -1.57 -5.19 7.17
CA GLN B 129 -2.46 -4.31 7.91
C GLN B 129 -2.53 -2.92 7.29
N GLY B 130 -1.44 -2.45 6.70
CA GLY B 130 -1.40 -1.11 6.15
C GLY B 130 -0.93 -0.10 7.18
N PRO B 131 -0.68 1.14 6.74
CA PRO B 131 -0.18 2.15 7.66
C PRO B 131 -1.25 2.57 8.67
N ARG B 132 -0.82 2.75 9.92
CA ARG B 132 -1.68 3.28 10.96
C ARG B 132 -0.81 3.75 12.11
N THR B 133 -1.38 4.64 12.94
CA THR B 133 -0.69 5.07 14.15
C THR B 133 -0.76 3.96 15.19
N GLN B 134 0.38 3.59 15.74
CA GLN B 134 0.51 2.42 16.60
C GLN B 134 1.74 2.59 17.46
N PRO B 135 1.85 1.86 18.57
CA PRO B 135 3.04 1.95 19.42
C PRO B 135 4.26 1.41 18.69
N VAL B 136 5.26 2.27 18.50
CA VAL B 136 6.53 1.89 17.90
C VAL B 136 7.60 1.95 18.98
N THR B 137 8.56 1.06 18.90
CA THR B 137 9.60 0.91 19.90
C THR B 137 10.93 1.43 19.35
N ALA B 138 11.51 2.40 20.05
CA ALA B 138 12.79 2.97 19.68
C ALA B 138 13.84 2.65 20.74
N SER B 139 15.10 2.59 20.31
CA SER B 139 16.21 2.29 21.19
C SER B 139 17.32 3.32 20.98
N SER B 140 17.88 3.80 22.08
CA SER B 140 18.85 4.89 22.00
C SER B 140 20.11 4.49 21.27
N ASP B 141 20.47 3.22 21.29
CA ASP B 141 21.66 2.74 20.59
C ASP B 141 21.36 2.22 19.18
N GLY B 142 20.11 2.31 18.74
CA GLY B 142 19.74 1.88 17.41
C GLY B 142 19.55 0.39 17.22
N TRP B 143 19.57 -0.39 18.31
CA TRP B 143 19.45 -1.83 18.23
C TRP B 143 18.37 -2.31 19.19
N PHE B 144 17.66 -3.36 18.79
CA PHE B 144 16.67 -4.01 19.63
C PHE B 144 16.97 -5.49 19.70
N ASN B 145 16.89 -6.05 20.91
CA ASN B 145 17.15 -7.47 21.15
C ASN B 145 15.82 -8.18 21.28
N ASN B 146 15.42 -8.89 20.22
CA ASN B 146 14.15 -9.60 20.25
C ASN B 146 14.16 -10.80 21.17
N CYS B 147 15.34 -11.29 21.55
CA CYS B 147 15.41 -12.39 22.50
C CYS B 147 15.07 -11.96 23.92
N ALA B 148 15.06 -10.66 24.19
CA ALA B 148 14.58 -10.16 25.47
C ALA B 148 13.07 -10.25 25.60
N LEU B 149 12.36 -10.55 24.50
CA LEU B 149 10.93 -10.84 24.55
C LEU B 149 10.64 -12.27 24.97
N LEU B 150 11.66 -13.08 25.20
CA LEU B 150 11.52 -14.48 25.56
C LEU B 150 12.12 -14.75 26.93
N GLU B 151 11.62 -15.80 27.57
CA GLU B 151 12.18 -16.30 28.82
C GLU B 151 13.22 -17.35 28.46
N VAL B 152 14.50 -17.01 28.60
CA VAL B 152 15.60 -17.85 28.15
C VAL B 152 16.47 -18.21 29.35
N GLU B 153 16.79 -19.50 29.48
CA GLU B 153 17.75 -20.03 30.42
C GLU B 153 19.04 -20.41 29.69
N PRO B 154 20.20 -20.35 30.35
CA PRO B 154 20.42 -19.97 31.75
C PRO B 154 20.70 -18.48 31.95
N THR B 155 20.69 -17.71 30.87
CA THR B 155 21.05 -16.29 30.95
C THR B 155 20.53 -15.59 29.71
N GLU B 156 20.65 -14.26 29.70
CA GLU B 156 20.18 -13.47 28.57
C GLU B 156 21.07 -13.68 27.36
N VAL B 157 20.44 -13.76 26.18
CA VAL B 157 21.16 -13.99 24.93
C VAL B 157 20.71 -12.96 23.90
N PHE B 158 21.51 -12.85 22.84
CA PHE B 158 21.23 -12.04 21.67
C PHE B 158 20.97 -12.94 20.46
N PRO B 159 20.19 -12.48 19.49
CA PRO B 159 19.89 -13.33 18.34
C PRO B 159 21.09 -13.45 17.41
N ARG B 160 21.04 -14.48 16.58
CA ARG B 160 22.05 -14.66 15.53
C ARG B 160 22.06 -13.45 14.61
N GLY B 161 23.26 -12.97 14.28
CA GLY B 161 23.41 -11.80 13.44
C GLY B 161 23.36 -10.48 14.16
N PHE B 162 23.16 -10.47 15.47
CA PHE B 162 23.21 -9.23 16.23
C PHE B 162 24.67 -8.77 16.34
N PRO B 163 24.97 -7.50 16.08
CA PRO B 163 26.36 -7.05 16.09
C PRO B 163 26.99 -7.22 17.47
N PHE B 164 28.22 -7.72 17.49
CA PHE B 164 28.88 -8.00 18.76
C PHE B 164 29.39 -6.73 19.44
N HIS B 165 29.86 -5.75 18.68
CA HIS B 165 30.43 -4.56 19.28
C HIS B 165 29.39 -3.73 20.04
N ALA B 166 28.11 -3.94 19.80
CA ALA B 166 27.06 -3.20 20.48
C ALA B 166 26.46 -3.96 21.65
N ARG B 167 26.87 -5.22 21.88
CA ARG B 167 26.23 -6.01 22.92
C ARG B 167 26.56 -5.53 24.33
N PRO B 168 27.83 -5.25 24.69
CA PRO B 168 28.09 -4.84 26.08
C PRO B 168 27.40 -3.54 26.48
N ALA B 169 27.33 -2.57 25.57
CA ALA B 169 26.69 -1.29 25.89
C ALA B 169 25.18 -1.32 25.70
N HIS B 170 24.62 -2.43 25.23
CA HIS B 170 23.17 -2.48 25.00
C HIS B 170 22.38 -2.46 26.29
N ALA B 171 22.97 -2.93 27.40
CA ALA B 171 22.29 -2.93 28.68
C ALA B 171 21.99 -1.52 29.17
N GLN B 172 22.76 -0.53 28.71
CA GLN B 172 22.55 0.86 29.11
C GLN B 172 21.70 1.62 28.11
N ALA B 173 21.20 0.97 27.07
CA ALA B 173 20.37 1.65 26.08
C ALA B 173 19.00 1.97 26.64
N ARG B 174 18.42 3.07 26.15
CA ARG B 174 17.12 3.52 26.58
C ARG B 174 16.06 3.03 25.59
N THR B 175 15.12 2.22 26.08
CA THR B 175 14.01 1.73 25.27
C THR B 175 12.78 2.57 25.55
N SER B 176 12.17 3.09 24.49
CA SER B 176 11.00 3.95 24.61
C SER B 176 9.93 3.52 23.60
N VAL B 177 8.68 3.78 23.95
CA VAL B 177 7.54 3.45 23.11
C VAL B 177 6.65 4.69 23.00
N CYS B 178 6.12 4.92 21.80
CA CYS B 178 5.22 6.05 21.58
C CYS B 178 4.36 5.78 20.36
N GLU B 179 3.22 6.47 20.30
CA GLU B 179 2.31 6.34 19.18
C GLU B 179 2.86 7.09 17.98
N ARG B 180 3.06 6.36 16.88
CA ARG B 180 3.59 6.96 15.65
C ARG B 180 3.03 6.19 14.47
N PRO B 181 2.91 6.83 13.30
CA PRO B 181 2.51 6.10 12.10
C PRO B 181 3.57 5.07 11.71
N ALA B 182 3.11 3.87 11.39
CA ALA B 182 4.00 2.81 10.95
C ALA B 182 3.24 1.89 10.00
N ASP B 183 3.99 1.24 9.11
CA ASP B 183 3.42 0.35 8.08
C ASP B 183 4.21 -0.95 8.13
N VAL B 184 3.69 -1.94 8.87
CA VAL B 184 4.39 -3.20 9.06
C VAL B 184 4.36 -4.00 7.76
N ARG B 185 5.56 -4.34 7.25
CA ARG B 185 5.68 -5.19 6.08
C ARG B 185 6.50 -6.45 6.31
N ILE B 186 7.16 -6.58 7.45
CA ILE B 186 7.88 -7.79 7.81
C ILE B 186 7.52 -8.14 9.25
N ASN B 187 7.15 -9.40 9.48
CA ASN B 187 6.81 -9.90 10.81
C ASN B 187 7.72 -11.07 11.14
N ALA B 188 8.65 -10.86 12.05
CA ALA B 188 9.57 -11.91 12.48
C ALA B 188 8.97 -12.57 13.72
N GLY B 189 8.39 -13.75 13.53
CA GLY B 189 7.85 -14.50 14.67
C GLY B 189 8.95 -15.16 15.48
N LEU B 190 8.71 -15.25 16.78
CA LEU B 190 9.71 -15.77 17.71
C LEU B 190 9.66 -17.29 17.77
N TRP B 191 10.54 -17.87 18.58
CA TRP B 191 10.76 -19.31 18.59
C TRP B 191 11.01 -19.79 20.01
N LEU B 192 10.35 -20.87 20.40
CA LEU B 192 10.58 -21.52 21.68
C LEU B 192 11.46 -22.76 21.50
N GLY B 193 12.08 -23.17 22.59
CA GLY B 193 13.03 -24.28 22.55
C GLY B 193 14.46 -23.79 22.30
N ASP B 194 15.01 -24.12 21.14
CA ASP B 194 16.33 -23.66 20.77
C ASP B 194 16.19 -22.32 20.04
N PRO B 195 16.54 -21.19 20.66
CA PRO B 195 16.36 -19.91 20.00
C PRO B 195 17.37 -19.73 18.87
N ASP B 196 17.07 -18.78 17.99
CA ASP B 196 17.95 -18.48 16.85
C ASP B 196 19.11 -17.63 17.35
N VAL B 197 20.10 -18.30 17.93
CA VAL B 197 21.32 -17.65 18.35
C VAL B 197 22.46 -18.13 17.45
N ASP B 198 23.56 -17.39 17.47
CA ASP B 198 24.74 -17.80 16.72
C ASP B 198 25.43 -18.96 17.43
N ALA B 199 26.37 -19.59 16.71
CA ALA B 199 27.08 -20.73 17.28
C ALA B 199 27.90 -20.34 18.48
N ILE B 200 28.34 -19.08 18.55
CA ILE B 200 29.11 -18.61 19.71
C ILE B 200 28.26 -18.71 20.97
N THR B 201 27.03 -18.20 20.91
CA THR B 201 26.14 -18.24 22.07
C THR B 201 25.70 -19.66 22.38
N ARG B 202 25.47 -20.47 21.33
CA ARG B 202 25.01 -21.84 21.55
C ARG B 202 26.10 -22.70 22.15
N LEU B 203 27.36 -22.47 21.74
CA LEU B 203 28.48 -23.21 22.33
C LEU B 203 28.79 -22.75 23.75
N ALA B 204 28.30 -21.58 24.15
CA ALA B 204 28.66 -21.01 25.45
C ALA B 204 27.64 -21.29 26.54
N VAL B 205 26.34 -21.19 26.25
CA VAL B 205 25.35 -21.32 27.31
C VAL B 205 24.27 -22.33 26.95
N ARG B 206 24.29 -22.84 25.71
CA ARG B 206 23.27 -23.75 25.20
C ARG B 206 21.87 -23.26 25.57
N PRO B 207 21.45 -22.12 25.01
CA PRO B 207 20.21 -21.48 25.49
C PRO B 207 18.97 -22.33 25.23
N ASN B 208 17.95 -22.06 26.04
CA ASN B 208 16.65 -22.70 25.92
C ASN B 208 15.58 -21.65 26.13
N ALA B 209 14.71 -21.47 25.13
CA ALA B 209 13.64 -20.47 25.18
C ALA B 209 12.40 -21.11 25.79
N LEU B 210 12.00 -20.63 26.97
CA LEU B 210 10.92 -21.25 27.73
C LEU B 210 9.54 -20.71 27.37
N ALA B 211 9.41 -19.40 27.19
CA ALA B 211 8.10 -18.80 26.94
C ALA B 211 8.27 -17.44 26.28
N HIS B 212 7.24 -17.03 25.55
CA HIS B 212 7.18 -15.70 24.96
C HIS B 212 6.43 -14.80 25.93
N SER B 213 7.16 -13.95 26.64
CA SER B 213 6.58 -13.13 27.70
C SER B 213 6.59 -11.63 27.40
N GLY B 214 7.32 -11.19 26.38
CA GLY B 214 7.44 -9.76 26.12
C GLY B 214 6.42 -9.18 25.18
N GLY B 215 5.54 -10.00 24.61
CA GLY B 215 4.60 -9.51 23.62
C GLY B 215 5.28 -9.21 22.30
N SER B 216 4.64 -8.32 21.54
CA SER B 216 5.11 -7.95 20.21
C SER B 216 5.45 -6.47 20.16
N VAL B 217 6.42 -6.13 19.30
CA VAL B 217 6.88 -4.77 19.14
C VAL B 217 7.04 -4.45 17.65
N VAL B 218 6.89 -3.17 17.32
CA VAL B 218 7.16 -2.65 15.98
C VAL B 218 8.29 -1.64 16.12
N LEU B 219 9.37 -1.84 15.38
CA LEU B 219 10.58 -1.04 15.54
C LEU B 219 10.48 0.24 14.72
N ALA B 220 10.80 1.36 15.37
CA ALA B 220 10.79 2.65 14.71
C ALA B 220 12.01 2.80 13.79
N GLU B 221 11.99 3.85 12.96
CA GLU B 221 13.10 4.11 12.07
C GLU B 221 14.36 4.42 12.87
N GLY B 222 15.46 3.75 12.52
CA GLY B 222 16.71 3.89 13.22
C GLY B 222 17.00 2.81 14.24
N THR B 223 16.01 2.01 14.61
CA THR B 223 16.19 0.88 15.50
C THR B 223 16.12 -0.41 14.69
N TRP B 224 17.18 -1.21 14.76
CA TRP B 224 17.29 -2.42 13.96
C TRP B 224 17.37 -3.64 14.86
N CYS B 225 17.06 -4.79 14.24
CA CYS B 225 17.19 -6.10 14.88
C CYS B 225 17.28 -7.11 13.75
N PRO B 226 18.15 -8.12 13.85
CA PRO B 226 18.26 -9.10 12.76
C PRO B 226 16.97 -9.87 12.57
N VAL B 227 16.69 -10.20 11.31
CA VAL B 227 15.49 -10.91 10.92
C VAL B 227 15.94 -12.18 10.20
N ASN B 228 15.48 -13.34 10.68
CA ASN B 228 15.87 -14.61 10.08
C ASN B 228 14.79 -15.05 9.10
N SER B 229 14.93 -16.28 8.59
CA SER B 229 14.02 -16.80 7.58
C SER B 229 13.41 -18.13 8.00
N GLN B 230 13.30 -18.37 9.31
CA GLN B 230 12.71 -19.61 9.81
C GLN B 230 11.30 -19.44 10.31
N ASN B 231 10.86 -18.20 10.56
CA ASN B 231 9.49 -17.92 10.96
C ASN B 231 9.17 -16.45 10.70
N THR B 232 9.26 -16.03 9.44
CA THR B 232 9.19 -14.62 9.08
C THR B 232 8.23 -14.44 7.91
N ALA B 233 7.28 -13.53 8.08
CA ALA B 233 6.34 -13.18 7.03
C ALA B 233 6.78 -11.88 6.35
N VAL B 234 6.71 -11.86 5.03
CA VAL B 234 7.10 -10.70 4.23
C VAL B 234 5.95 -10.37 3.30
N HIS B 235 5.50 -9.11 3.34
CA HIS B 235 4.49 -8.67 2.39
C HIS B 235 5.07 -8.68 0.97
N ARG B 236 4.21 -9.01 0.00
CA ARG B 236 4.68 -9.27 -1.35
C ARG B 236 5.39 -8.06 -1.95
N ASP B 237 5.05 -6.84 -1.52
CA ASP B 237 5.76 -5.67 -2.01
C ASP B 237 7.20 -5.65 -1.51
N ALA B 238 7.44 -6.15 -0.30
CA ALA B 238 8.78 -6.17 0.28
C ALA B 238 9.57 -7.41 -0.11
N LEU B 239 8.94 -8.40 -0.75
CA LEU B 239 9.65 -9.62 -1.11
C LEU B 239 10.83 -9.39 -2.05
N PRO B 240 10.78 -8.48 -3.05
CA PRO B 240 11.96 -8.29 -3.91
C PRO B 240 13.25 -7.99 -3.15
N ALA B 241 13.15 -7.43 -1.94
CA ALA B 241 14.33 -7.15 -1.13
C ALA B 241 14.69 -8.27 -0.17
N TYR B 242 14.00 -9.41 -0.25
CA TYR B 242 14.20 -10.51 0.69
C TYR B 242 14.99 -11.66 0.09
N TYR B 243 15.78 -11.40 -0.95
CA TYR B 243 16.59 -12.43 -1.58
C TYR B 243 17.58 -13.02 -0.59
N PHE B 244 17.60 -14.35 -0.50
CA PHE B 244 18.47 -15.07 0.43
C PHE B 244 19.89 -15.08 -0.13
N LEU B 245 20.81 -14.44 0.59
CA LEU B 245 22.15 -14.22 0.06
C LEU B 245 22.89 -15.53 -0.13
N ARG B 246 23.60 -15.63 -1.25
CA ARG B 246 24.38 -16.83 -1.55
C ARG B 246 25.61 -16.89 -0.67
N MET B 247 25.84 -18.04 -0.03
CA MET B 247 26.97 -18.23 0.84
C MET B 247 28.11 -18.93 0.09
N GLY B 248 29.21 -19.17 0.80
CA GLY B 248 30.36 -19.82 0.23
C GLY B 248 31.51 -18.90 -0.13
N GLN B 249 31.35 -17.59 0.02
CA GLN B 249 32.44 -16.68 -0.31
C GLN B 249 33.49 -16.72 0.79
N PRO B 250 34.77 -16.89 0.45
CA PRO B 250 35.80 -16.97 1.49
C PRO B 250 36.10 -15.62 2.10
N VAL B 251 36.38 -15.65 3.40
CA VAL B 251 36.95 -14.52 4.13
C VAL B 251 38.25 -15.01 4.72
N ASP B 252 39.37 -14.50 4.20
CA ASP B 252 40.70 -14.99 4.55
C ASP B 252 40.82 -16.48 4.24
N GLY B 253 40.25 -16.90 3.12
CA GLY B 253 40.31 -18.29 2.70
C GLY B 253 39.38 -19.23 3.44
N VAL B 254 38.46 -18.71 4.23
CA VAL B 254 37.50 -19.52 4.98
C VAL B 254 36.10 -19.23 4.43
N PRO B 255 35.42 -20.22 3.84
CA PRO B 255 34.11 -19.94 3.23
C PRO B 255 33.05 -19.66 4.28
N MET B 256 32.29 -18.60 4.07
CA MET B 256 31.22 -18.26 5.00
C MET B 256 29.97 -19.08 4.69
N GLU B 257 29.15 -19.28 5.73
CA GLU B 257 27.87 -19.96 5.58
C GLU B 257 26.99 -19.58 6.76
N ARG B 258 25.73 -20.02 6.68
CA ARG B 258 24.72 -19.88 7.74
C ARG B 258 24.27 -18.44 7.97
N PHE B 259 24.64 -17.51 7.10
CA PHE B 259 24.26 -16.11 7.27
C PHE B 259 23.49 -15.57 6.07
N GLY B 260 22.91 -16.46 5.26
CA GLY B 260 22.16 -16.02 4.10
C GLY B 260 20.98 -15.14 4.49
N ASP B 261 20.29 -15.49 5.59
CA ASP B 261 19.15 -14.72 6.04
C ASP B 261 19.53 -13.59 6.99
N ILE B 262 20.74 -13.60 7.54
CA ILE B 262 21.19 -12.46 8.31
C ILE B 262 21.32 -11.24 7.41
N PHE B 263 21.88 -11.44 6.21
CA PHE B 263 21.97 -10.35 5.25
C PHE B 263 20.60 -10.00 4.70
N SER B 264 19.83 -11.01 4.28
CA SER B 264 18.49 -10.74 3.75
C SER B 264 17.60 -10.07 4.79
N GLY B 265 17.76 -10.43 6.06
CA GLY B 265 16.97 -9.80 7.10
C GLY B 265 17.31 -8.33 7.30
N TYR B 266 18.61 -8.00 7.32
CA TYR B 266 19.01 -6.61 7.40
C TYR B 266 18.73 -5.86 6.10
N PHE B 267 18.83 -6.55 4.96
CA PHE B 267 18.65 -5.87 3.67
C PHE B 267 17.19 -5.48 3.45
N VAL B 268 16.26 -6.40 3.71
CA VAL B 268 14.84 -6.07 3.55
C VAL B 268 14.41 -5.07 4.60
N GLN B 269 15.16 -4.96 5.71
CA GLN B 269 14.82 -4.06 6.79
C GLN B 269 15.26 -2.63 6.49
N VAL B 270 16.48 -2.46 5.98
CA VAL B 270 16.93 -1.13 5.60
C VAL B 270 16.16 -0.63 4.39
N CYS B 271 15.72 -1.55 3.51
CA CYS B 271 14.90 -1.15 2.38
C CYS B 271 13.51 -0.74 2.82
N ALA B 272 12.93 -1.46 3.79
CA ALA B 272 11.59 -1.12 4.28
C ALA B 272 11.58 0.24 4.98
N GLN B 273 12.62 0.53 5.77
CA GLN B 273 12.63 1.80 6.50
C GLN B 273 12.83 2.98 5.56
N HIS B 274 13.59 2.80 4.48
CA HIS B 274 13.71 3.88 3.50
C HIS B 274 12.38 4.16 2.81
N LEU B 275 11.55 3.14 2.64
CA LEU B 275 10.24 3.31 2.03
C LEU B 275 9.14 3.57 3.05
N GLY B 276 9.50 3.91 4.28
CA GLY B 276 8.51 4.24 5.30
C GLY B 276 7.83 3.05 5.93
N HIS B 277 8.40 1.85 5.81
CA HIS B 277 7.82 0.63 6.34
C HIS B 277 8.62 0.14 7.54
N ALA B 278 8.04 -0.82 8.27
CA ALA B 278 8.58 -1.21 9.56
C ALA B 278 8.65 -2.74 9.68
N VAL B 279 9.40 -3.19 10.68
CA VAL B 279 9.57 -4.60 10.99
C VAL B 279 8.95 -4.89 12.35
N ARG B 280 8.21 -5.98 12.44
CA ARG B 280 7.54 -6.39 13.67
C ARG B 280 8.19 -7.66 14.22
N PHE B 281 8.27 -7.74 15.54
CA PHE B 281 8.81 -8.91 16.23
C PHE B 281 7.82 -9.38 17.29
N GLY B 282 7.61 -10.70 17.37
CA GLY B 282 6.72 -11.25 18.36
C GLY B 282 5.98 -12.50 17.91
N ASP B 283 4.65 -12.45 17.93
CA ASP B 283 3.84 -13.57 17.50
C ASP B 283 3.72 -13.59 15.98
N PRO B 284 3.38 -14.75 15.38
CA PRO B 284 3.14 -16.06 15.99
C PRO B 284 4.44 -16.76 16.38
N VAL B 285 4.42 -17.52 17.47
CA VAL B 285 5.60 -18.19 18.00
C VAL B 285 5.56 -19.66 17.60
N VAL B 286 6.69 -20.17 17.15
CA VAL B 286 6.81 -21.57 16.77
C VAL B 286 7.76 -22.28 17.74
N GLU B 287 7.69 -23.60 17.73
CA GLU B 287 8.70 -24.42 18.40
C GLU B 287 9.83 -24.73 17.43
N HIS B 288 11.06 -24.71 17.95
CA HIS B 288 12.25 -24.97 17.13
C HIS B 288 13.02 -26.14 17.73
N PRO B 289 12.57 -27.37 17.53
CA PRO B 289 13.41 -28.54 17.86
C PRO B 289 14.44 -28.75 16.75
N ARG B 290 15.52 -27.96 16.83
CA ARG B 290 16.43 -27.78 15.71
C ARG B 290 17.04 -29.10 15.28
N ASN B 291 17.25 -29.24 13.96
CA ASN B 291 17.93 -30.40 13.42
C ASN B 291 19.31 -30.55 14.05
N GLU B 292 19.80 -31.79 14.05
CA GLU B 292 21.09 -32.08 14.66
C GLU B 292 22.21 -31.39 13.90
N HIS B 293 22.99 -30.57 14.60
CA HIS B 293 24.10 -29.85 14.01
C HIS B 293 25.36 -30.07 14.83
N ASP B 294 26.50 -30.06 14.16
CA ASP B 294 27.80 -30.02 14.80
C ASP B 294 28.12 -28.56 15.11
N LEU B 295 28.05 -28.19 16.39
CA LEU B 295 28.18 -26.78 16.77
C LEU B 295 29.55 -26.22 16.40
N LEU B 296 30.60 -27.04 16.54
CA LEU B 296 31.93 -26.60 16.14
C LEU B 296 32.01 -26.39 14.64
N ASP B 297 31.26 -27.17 13.86
CA ASP B 297 31.20 -26.92 12.43
C ASP B 297 30.38 -25.68 12.12
N ASP B 298 29.27 -25.47 12.85
CA ASP B 298 28.51 -24.23 12.71
C ASP B 298 29.37 -23.02 13.02
N LEU B 299 30.17 -23.11 14.08
CA LEU B 299 31.07 -22.02 14.44
C LEU B 299 32.05 -21.72 13.32
N HIS B 300 32.64 -22.78 12.74
CA HIS B 300 33.62 -22.58 11.67
C HIS B 300 33.01 -21.90 10.46
N LYS B 301 31.72 -22.14 10.21
CA LYS B 301 31.05 -21.53 9.07
C LYS B 301 30.62 -20.09 9.35
N GLU B 302 30.24 -19.78 10.59
CA GLU B 302 29.69 -18.46 10.88
C GLU B 302 30.78 -17.42 11.10
N VAL B 303 31.95 -17.82 11.61
CA VAL B 303 32.99 -16.86 11.95
C VAL B 303 33.38 -15.97 10.77
N PRO B 304 33.58 -16.48 9.54
CA PRO B 304 33.92 -15.57 8.44
C PRO B 304 32.92 -14.45 8.24
N ALA B 305 31.63 -14.70 8.49
CA ALA B 305 30.63 -13.65 8.31
C ALA B 305 30.60 -12.70 9.51
N VAL B 306 30.71 -13.24 10.73
CA VAL B 306 30.69 -12.38 11.91
C VAL B 306 31.89 -11.45 11.95
N ARG B 307 33.00 -11.82 11.29
CA ARG B 307 34.17 -10.96 11.27
C ARG B 307 33.94 -9.68 10.47
N LEU B 308 32.92 -9.66 9.61
CA LEU B 308 32.65 -8.49 8.76
C LEU B 308 31.34 -7.79 9.09
N LEU B 309 30.41 -8.46 9.77
CA LEU B 309 29.05 -7.95 9.87
C LEU B 309 28.99 -6.63 10.63
N ASP B 310 29.76 -6.50 11.71
CA ASP B 310 29.71 -5.26 12.49
C ASP B 310 30.10 -4.06 11.65
N ASP B 311 31.12 -4.20 10.80
CA ASP B 311 31.54 -3.10 9.93
C ASP B 311 30.49 -2.80 8.87
N ILE B 312 29.90 -3.83 8.27
CA ILE B 312 28.91 -3.61 7.21
C ILE B 312 27.69 -2.89 7.77
N LEU B 313 27.23 -3.30 8.95
CA LEU B 313 26.07 -2.66 9.56
C LEU B 313 26.37 -1.20 9.91
N ASP B 314 27.59 -0.93 10.38
CA ASP B 314 27.95 0.45 10.69
C ASP B 314 27.94 1.33 9.45
N HIS B 315 28.48 0.81 8.33
CA HIS B 315 28.54 1.62 7.12
C HIS B 315 27.17 1.76 6.45
N LEU B 316 26.27 0.80 6.67
CA LEU B 316 24.94 0.89 6.08
C LEU B 316 24.13 2.03 6.68
N ARG B 317 24.43 2.43 7.92
CA ARG B 317 23.76 3.58 8.50
C ARG B 317 24.26 4.89 7.91
N ASP B 318 25.44 4.89 7.29
CA ASP B 318 25.98 6.08 6.69
C ASP B 318 25.49 6.30 5.26
N HIS B 319 25.09 5.24 4.56
CA HIS B 319 24.71 5.33 3.17
C HIS B 319 23.22 5.64 3.04
N PRO B 320 22.83 6.74 2.40
CA PRO B 320 21.41 6.96 2.12
C PRO B 320 21.00 6.22 0.85
N LEU B 321 19.87 5.53 0.92
CA LEU B 321 19.39 4.74 -0.20
C LEU B 321 18.43 5.57 -1.06
N GLU B 322 18.27 5.12 -2.30
CA GLU B 322 17.35 5.71 -3.26
C GLU B 322 16.40 4.64 -3.77
N GLY B 323 15.29 5.07 -4.36
CA GLY B 323 14.32 4.15 -4.92
C GLY B 323 12.91 4.47 -4.45
N GLY B 324 11.94 4.19 -5.33
CA GLY B 324 10.55 4.46 -5.02
C GLY B 324 9.79 3.24 -4.55
N ASP B 325 10.32 2.06 -4.87
CA ASP B 325 9.74 0.79 -4.43
C ASP B 325 10.87 -0.11 -3.96
N TYR B 326 10.55 -1.37 -3.65
CA TYR B 326 11.56 -2.27 -3.09
C TYR B 326 12.55 -2.74 -4.15
N LEU B 327 12.13 -2.83 -5.41
CA LEU B 327 13.06 -3.21 -6.47
C LEU B 327 14.15 -2.15 -6.65
N GLU B 328 13.74 -0.89 -6.84
CA GLU B 328 14.72 0.18 -7.01
C GLU B 328 15.54 0.41 -5.74
N THR B 329 14.92 0.23 -4.57
CA THR B 329 15.66 0.44 -3.32
C THR B 329 16.68 -0.68 -3.10
N TYR B 330 16.33 -1.91 -3.47
CA TYR B 330 17.27 -3.02 -3.34
C TYR B 330 18.44 -2.87 -4.29
N GLU B 331 18.18 -2.45 -5.53
CA GLU B 331 19.26 -2.22 -6.49
C GLU B 331 20.16 -1.10 -6.01
N SER B 332 19.58 -0.03 -5.47
CA SER B 332 20.39 1.04 -4.87
C SER B 332 21.20 0.53 -3.69
N LEU B 333 20.62 -0.41 -2.92
CA LEU B 333 21.36 -1.01 -1.81
C LEU B 333 22.55 -1.81 -2.32
N SER B 334 22.37 -2.54 -3.43
CA SER B 334 23.47 -3.34 -3.97
C SER B 334 24.64 -2.47 -4.38
N TYR B 335 24.37 -1.30 -4.97
CA TYR B 335 25.45 -0.39 -5.32
C TYR B 335 26.06 0.26 -4.07
N ALA B 336 25.26 0.42 -3.02
CA ALA B 336 25.79 0.95 -1.77
C ALA B 336 26.80 -0.02 -1.15
N LEU B 337 26.52 -1.33 -1.25
CA LEU B 337 27.43 -2.33 -0.70
C LEU B 337 28.77 -2.33 -1.44
N GLN B 338 28.76 -2.05 -2.74
CA GLN B 338 30.01 -2.03 -3.49
C GLN B 338 30.89 -0.85 -3.09
N GLU B 339 30.28 0.29 -2.76
CA GLU B 339 31.04 1.41 -2.25
C GLU B 339 31.58 1.12 -0.85
N ILE B 340 30.77 0.45 -0.03
CA ILE B 340 31.22 0.07 1.31
C ILE B 340 32.40 -0.89 1.22
N ALA B 341 32.40 -1.76 0.20
CA ALA B 341 33.43 -2.80 0.11
C ALA B 341 34.83 -2.19 -0.04
N GLU B 342 34.93 -0.98 -0.60
CA GLU B 342 36.22 -0.36 -0.82
C GLU B 342 36.59 0.67 0.25
N ARG B 343 35.62 1.16 1.02
CA ARG B 343 35.90 2.16 2.05
C ARG B 343 36.20 1.54 3.41
N VAL B 344 35.62 0.38 3.71
CA VAL B 344 35.79 -0.22 5.02
C VAL B 344 37.23 -0.70 5.19
N ASN B 345 37.70 -0.69 6.44
CA ASN B 345 39.07 -1.09 6.76
C ASN B 345 39.08 -1.95 8.01
N GLY B 346 40.07 -2.83 8.09
CA GLY B 346 40.21 -3.74 9.21
C GLY B 346 41.02 -4.95 8.81
N ARG B 347 41.46 -5.68 9.84
CA ARG B 347 42.29 -6.86 9.59
C ARG B 347 41.54 -7.92 8.81
N ALA B 348 40.23 -8.06 9.05
CA ALA B 348 39.44 -9.08 8.38
C ALA B 348 39.07 -8.71 6.95
N TRP B 349 39.44 -7.52 6.49
CA TRP B 349 39.02 -7.06 5.16
C TRP B 349 40.12 -7.32 4.12
N SER B 350 40.36 -8.61 3.91
CA SER B 350 41.26 -9.07 2.88
C SER B 350 40.64 -8.84 1.51
N PRO B 351 41.42 -8.98 0.42
CA PRO B 351 40.85 -8.82 -0.92
C PRO B 351 39.65 -9.72 -1.21
N ASP B 352 39.63 -10.94 -0.68
CA ASP B 352 38.47 -11.80 -0.90
C ASP B 352 37.26 -11.37 -0.07
N ALA B 353 37.49 -10.68 1.06
CA ALA B 353 36.37 -10.16 1.83
C ALA B 353 35.69 -9.01 1.08
N ARG B 354 36.48 -8.09 0.54
CA ARG B 354 35.91 -7.00 -0.24
C ARG B 354 35.18 -7.50 -1.48
N ALA B 355 35.75 -8.52 -2.14
CA ALA B 355 35.12 -9.06 -3.34
C ALA B 355 33.83 -9.83 -3.02
N PHE B 356 33.66 -10.31 -1.78
CA PHE B 356 32.42 -10.95 -1.39
C PHE B 356 31.23 -9.99 -1.56
N LEU B 357 31.40 -8.73 -1.16
CA LEU B 357 30.31 -7.77 -1.30
C LEU B 357 30.05 -7.42 -2.75
N HIS B 358 31.09 -7.50 -3.60
CA HIS B 358 30.89 -7.16 -5.01
C HIS B 358 30.13 -8.26 -5.74
N ARG B 359 30.47 -9.53 -5.49
CA ARG B 359 29.72 -10.61 -6.12
C ARG B 359 28.31 -10.73 -5.52
N SER B 360 28.16 -10.45 -4.24
CA SER B 360 26.83 -10.43 -3.64
C SER B 360 25.94 -9.38 -4.29
N ALA B 361 26.52 -8.20 -4.57
CA ALA B 361 25.74 -7.12 -5.17
C ALA B 361 25.31 -7.48 -6.59
N HIS B 362 26.14 -8.20 -7.33
CA HIS B 362 25.75 -8.65 -8.65
C HIS B 362 24.60 -9.65 -8.57
N LEU B 363 24.70 -10.61 -7.67
CA LEU B 363 23.63 -11.61 -7.51
C LEU B 363 22.34 -10.95 -7.03
N MET B 364 22.45 -9.89 -6.23
CA MET B 364 21.26 -9.15 -5.83
C MET B 364 20.58 -8.53 -7.04
N ARG B 365 21.37 -7.94 -7.95
CA ARG B 365 20.78 -7.33 -9.15
C ARG B 365 20.37 -8.38 -10.17
N SER B 366 21.02 -9.54 -10.17
CA SER B 366 20.53 -10.65 -10.98
C SER B 366 19.19 -11.14 -10.49
N TRP B 367 18.95 -11.07 -9.17
CA TRP B 367 17.67 -11.48 -8.60
C TRP B 367 16.57 -10.49 -8.96
N THR B 368 16.85 -9.19 -8.86
CA THR B 368 15.83 -8.20 -9.21
C THR B 368 15.56 -8.19 -10.70
N GLY B 369 16.57 -8.45 -11.52
CA GLY B 369 16.34 -8.53 -12.97
C GLY B 369 15.42 -9.68 -13.33
N ALA B 370 15.53 -10.79 -12.60
CA ALA B 370 14.62 -11.91 -12.84
C ALA B 370 13.19 -11.54 -12.45
N LEU B 371 13.02 -10.81 -11.35
CA LEU B 371 11.69 -10.36 -10.96
C LEU B 371 11.14 -9.34 -11.94
N ARG B 372 12.01 -8.48 -12.48
CA ARG B 372 11.57 -7.54 -13.50
C ARG B 372 11.20 -8.25 -14.79
N THR B 373 11.88 -9.36 -15.11
CA THR B 373 11.51 -10.15 -16.28
C THR B 373 10.12 -10.76 -16.11
N VAL B 374 9.84 -11.30 -14.93
CA VAL B 374 8.48 -11.77 -14.63
C VAL B 374 7.49 -10.61 -14.72
N ALA B 375 7.94 -9.40 -14.37
CA ALA B 375 7.10 -8.20 -14.41
C ALA B 375 5.87 -8.36 -13.53
#